data_6NHA
#
_entry.id   6NHA
#
_cell.length_a   64.830
_cell.length_b   77.664
_cell.length_c   215.605
_cell.angle_alpha   90.000
_cell.angle_beta   90.000
_cell.angle_gamma   90.000
#
_symmetry.space_group_name_H-M   'P 21 21 21'
#
loop_
_entity.id
_entity.type
_entity.pdbx_description
1 polymer 'IgG receptor FcRn large subunit p51'
2 polymer Beta-2-microglobulin
3 polymer 'SYNT001-Fab light chain'
4 polymer 'SYNT001-Fab heavy chain'
5 non-polymer '2-[N-CYCLOHEXYLAMINO]ETHANE SULFONIC ACID'
6 water water
#
loop_
_entity_poly.entity_id
_entity_poly.type
_entity_poly.pdbx_seq_one_letter_code
_entity_poly.pdbx_strand_id
1 'polypeptide(L)'
;AESHLSLLYHLTAVSSPAPGTPAFWVSGWLGPQQYLSYNSLRGEAEPCGAWVWENQVSWYWEKETTDLRIKEKLFLEAFK
ALGGKGPYTLQGLLGCELGPDATSVPTAKFALNGEEFMNFDLKQGTWGGDWPEALAISQRWQQQDKAANKELTFLLFSCP
HRLREHLERGRGNLEWKEPPSMRLKARPSSPGFSVLTCSAFSFYPPELQLRFLRNGLAAGTGQGDFGPNSDGSFHASSSL
TVKSGDEHHYCCIVQHAGLAQPLRVELESPAKSENLYFQ
;
A
2 'polypeptide(L)'
;IQRTPKIQVYSRHPAENGKSNFLNCYVSGFHPSDIEVDLLKNGERIEKVEHSDLSFSKDWSFYLLYYTEFTPTEKDEYAC
RVNHVTLSQPKIVKWDRDM
;
B
3 'polypeptide(L)'
;DIQMTQSPSSLSASVGDRVTITCKASDHINNWLAWYQQKPGQAPRLLISGATSLETGVPSRFSGSGTGKDYTLTISSLQP
EDFATYYCQQYWSTPYTFGGGTKVEIKRTVAAPSVFIFPPSDEQLKSGTASVVCLLNNFYPREAKVQWKVDNALQSGNSQ
ESVTEQDSKDSTYSLSSTLTLSKADYEKHKVYACEVTHQGLSSPVTKSFNRGEC
;
L
4 'polypeptide(L)'
;QVQLVQSGAELKKPGASVKLSCKASGYTFTSYGISWVKQATGQGLEWIGEIYPRSGNTYYNEKFKGRATLTADKSTSTAY
MELRSLRSEDSAVYFCARSTTVRPPGIWGTGTTVTVSSASTKGPSVFPLAPCSRSTSESTAALGCLVKDYFPEPVTVSWN
SGALTSGVHTFPAVLQSSGLYSLSSVVTVPSSSLGTKTYTCNVDHKPSNTKVDKRVESKY
;
H
#
# COMPACT_ATOMS: atom_id res chain seq x y z
N HIS A 4 -10.15 -32.02 -9.37
CA HIS A 4 -11.06 -32.54 -8.36
C HIS A 4 -10.54 -33.82 -7.69
N LEU A 5 -9.76 -34.61 -8.42
CA LEU A 5 -9.05 -35.75 -7.85
C LEU A 5 -7.61 -35.30 -7.59
N SER A 6 -7.34 -34.88 -6.36
CA SER A 6 -6.03 -34.36 -5.99
C SER A 6 -5.53 -35.06 -4.73
N LEU A 7 -4.22 -35.02 -4.54
CA LEU A 7 -3.60 -35.43 -3.29
C LEU A 7 -2.65 -34.31 -2.85
N LEU A 8 -3.05 -33.56 -1.82
CA LEU A 8 -2.35 -32.35 -1.40
C LEU A 8 -2.02 -32.39 0.07
N TYR A 9 -0.84 -31.90 0.41
CA TYR A 9 -0.41 -31.72 1.78
C TYR A 9 -0.27 -30.23 2.08
N HIS A 10 -0.93 -29.77 3.15
CA HIS A 10 -0.74 -28.42 3.68
C HIS A 10 0.22 -28.49 4.86
N LEU A 11 1.35 -27.78 4.77
CA LEU A 11 2.36 -27.76 5.82
C LEU A 11 2.52 -26.35 6.37
N THR A 12 2.64 -26.21 7.69
CA THR A 12 2.84 -24.92 8.33
C THR A 12 3.91 -25.01 9.41
N ALA A 13 4.84 -24.06 9.42
CA ALA A 13 5.79 -23.87 10.51
C ALA A 13 5.72 -22.42 10.98
N VAL A 14 5.74 -22.22 12.30
CA VAL A 14 5.79 -20.88 12.87
C VAL A 14 7.01 -20.78 13.79
N SER A 15 7.68 -19.64 13.71
CA SER A 15 8.89 -19.42 14.49
C SER A 15 8.61 -19.14 15.97
N SER A 16 7.42 -18.64 16.31
CA SER A 16 7.08 -18.26 17.68
C SER A 16 5.72 -18.84 18.03
N PRO A 17 5.64 -20.16 18.20
CA PRO A 17 4.33 -20.78 18.48
C PRO A 17 3.77 -20.29 19.81
N ALA A 18 2.48 -19.99 19.82
CA ALA A 18 1.81 -19.71 21.07
C ALA A 18 2.02 -20.88 22.02
N PRO A 19 2.29 -20.62 23.30
CA PRO A 19 2.59 -21.71 24.24
C PRO A 19 1.48 -22.76 24.23
N GLY A 20 1.88 -24.03 24.12
CA GLY A 20 0.94 -25.12 23.99
C GLY A 20 0.49 -25.45 22.59
N THR A 21 0.86 -24.62 21.59
CA THR A 21 0.60 -24.91 20.19
C THR A 21 1.83 -25.53 19.54
N PRO A 22 1.64 -26.28 18.46
CA PRO A 22 2.80 -26.85 17.76
C PRO A 22 3.52 -25.84 16.88
N ALA A 23 4.85 -26.01 16.79
CA ALA A 23 5.63 -25.18 15.87
C ALA A 23 5.47 -25.61 14.42
N PHE A 24 4.96 -26.81 14.17
CA PHE A 24 4.87 -27.37 12.83
C PHE A 24 3.73 -28.38 12.80
N TRP A 25 2.87 -28.32 11.79
CA TRP A 25 1.74 -29.23 11.69
C TRP A 25 1.32 -29.36 10.24
N VAL A 26 0.75 -30.52 9.90
CA VAL A 26 0.46 -30.90 8.52
C VAL A 26 -0.95 -31.49 8.46
N SER A 27 -1.64 -31.23 7.36
CA SER A 27 -2.89 -31.92 7.05
C SER A 27 -2.78 -32.50 5.66
N GLY A 28 -3.20 -33.75 5.50
CA GLY A 28 -3.15 -34.46 4.21
C GLY A 28 -4.56 -34.57 3.63
N TRP A 29 -4.68 -34.34 2.33
CA TRP A 29 -5.97 -34.19 1.68
C TRP A 29 -6.08 -35.07 0.45
N LEU A 30 -7.18 -35.80 0.34
CA LEU A 30 -7.57 -36.46 -0.88
C LEU A 30 -8.87 -35.79 -1.35
N GLY A 31 -8.81 -35.12 -2.49
CA GLY A 31 -9.86 -34.22 -2.89
C GLY A 31 -10.14 -33.25 -1.76
N PRO A 32 -11.42 -32.92 -1.55
CA PRO A 32 -11.75 -31.97 -0.47
C PRO A 32 -11.92 -32.61 0.89
N GLN A 33 -11.29 -33.76 1.17
CA GLN A 33 -11.45 -34.40 2.46
C GLN A 33 -10.10 -34.75 3.07
N GLN A 34 -9.98 -34.44 4.36
CA GLN A 34 -8.73 -34.69 5.07
C GLN A 34 -8.67 -36.15 5.52
N TYR A 35 -7.50 -36.75 5.36
CA TYR A 35 -7.26 -38.10 5.80
C TYR A 35 -6.07 -38.22 6.74
N LEU A 36 -5.23 -37.20 6.84
CA LEU A 36 -3.99 -37.28 7.60
C LEU A 36 -3.83 -36.02 8.44
N SER A 37 -3.14 -36.16 9.56
CA SER A 37 -2.86 -35.02 10.42
C SER A 37 -1.59 -35.32 11.20
N TYR A 38 -0.75 -34.30 11.33
CA TYR A 38 0.51 -34.43 12.05
C TYR A 38 0.79 -33.09 12.73
N ASN A 39 1.46 -33.14 13.89
CA ASN A 39 1.90 -31.91 14.54
C ASN A 39 3.13 -32.20 15.39
N SER A 40 3.92 -31.15 15.64
CA SER A 40 5.22 -31.33 16.26
C SER A 40 5.12 -31.74 17.72
N LEU A 41 3.98 -31.51 18.37
CA LEU A 41 3.85 -31.85 19.78
C LEU A 41 3.63 -33.35 19.99
N ARG A 42 2.86 -34.00 19.11
CA ARG A 42 2.62 -35.44 19.21
C ARG A 42 3.63 -36.25 18.41
N GLY A 43 3.96 -35.80 17.21
CA GLY A 43 5.07 -36.36 16.46
C GLY A 43 4.77 -37.61 15.67
N GLU A 44 3.51 -37.90 15.38
CA GLU A 44 3.17 -39.09 14.59
C GLU A 44 2.04 -38.77 13.63
N ALA A 45 2.06 -39.46 12.48
CA ALA A 45 1.04 -39.28 11.46
C ALA A 45 -0.22 -40.01 11.90
N GLU A 46 -1.19 -39.26 12.35
CA GLU A 46 -2.48 -39.80 12.77
C GLU A 46 -3.46 -39.81 11.61
N PRO A 47 -4.22 -40.88 11.40
CA PRO A 47 -5.29 -40.84 10.40
C PRO A 47 -6.42 -39.96 10.87
N CYS A 48 -7.28 -39.59 9.92
CA CYS A 48 -8.45 -38.78 10.18
C CYS A 48 -9.65 -39.43 9.51
N GLY A 49 -10.84 -39.00 9.92
CA GLY A 49 -12.08 -39.47 9.35
C GLY A 49 -12.15 -40.98 9.27
N ALA A 50 -12.78 -41.48 8.20
CA ALA A 50 -12.97 -42.91 7.97
C ALA A 50 -11.67 -43.68 7.89
N TRP A 51 -10.52 -42.99 7.86
CA TRP A 51 -9.23 -43.65 7.70
C TRP A 51 -8.69 -44.20 9.02
N VAL A 52 -9.38 -43.96 10.14
CA VAL A 52 -8.90 -44.48 11.43
C VAL A 52 -9.04 -45.99 11.49
N TRP A 53 -10.00 -46.56 10.76
CA TRP A 53 -10.21 -48.00 10.71
C TRP A 53 -9.39 -48.58 9.55
N GLU A 54 -8.35 -49.33 9.87
CA GLU A 54 -7.50 -49.93 8.85
C GLU A 54 -6.69 -51.05 9.48
N ASN A 55 -5.96 -51.77 8.64
CA ASN A 55 -5.15 -52.89 9.12
C ASN A 55 -3.98 -52.41 9.97
N SER A 58 -0.55 -50.27 9.79
CA SER A 58 -0.14 -50.36 8.40
C SER A 58 1.30 -49.86 8.22
N TRP A 59 1.93 -50.35 7.15
CA TRP A 59 3.23 -49.84 6.75
C TRP A 59 3.16 -48.36 6.42
N TYR A 60 2.01 -47.92 5.91
CA TYR A 60 1.90 -46.58 5.33
C TYR A 60 2.10 -45.51 6.40
N TRP A 61 1.45 -45.68 7.55
CA TRP A 61 1.43 -44.64 8.56
C TRP A 61 2.77 -44.47 9.28
N GLU A 62 3.67 -45.45 9.20
CA GLU A 62 5.01 -45.19 9.70
C GLU A 62 5.91 -44.59 8.62
N LYS A 63 5.71 -44.95 7.34
CA LYS A 63 6.41 -44.20 6.30
C LYS A 63 6.04 -42.72 6.37
N GLU A 64 4.78 -42.41 6.65
CA GLU A 64 4.37 -41.02 6.77
C GLU A 64 5.02 -40.35 7.97
N THR A 65 5.12 -41.06 9.09
CA THR A 65 5.72 -40.47 10.28
C THR A 65 7.22 -40.26 10.12
N THR A 66 7.89 -41.12 9.34
CA THR A 66 9.31 -40.89 9.07
C THR A 66 9.51 -39.66 8.19
N ASP A 67 8.70 -39.52 7.15
CA ASP A 67 8.79 -38.35 6.27
C ASP A 67 8.49 -37.07 7.05
N LEU A 68 7.38 -37.06 7.79
CA LEU A 68 6.93 -35.82 8.43
C LEU A 68 7.93 -35.34 9.46
N ARG A 69 8.57 -36.26 10.20
CA ARG A 69 9.63 -35.86 11.12
C ARG A 69 10.76 -35.18 10.36
N ILE A 70 11.09 -35.67 9.16
CA ILE A 70 12.09 -35.00 8.34
C ILE A 70 11.65 -33.58 8.00
N LYS A 71 10.46 -33.44 7.41
CA LYS A 71 9.94 -32.12 7.06
C LYS A 71 9.94 -31.20 8.27
N GLU A 72 9.49 -31.71 9.42
CA GLU A 72 9.46 -30.90 10.63
C GLU A 72 10.83 -30.31 10.95
N LYS A 73 11.88 -31.14 10.85
CA LYS A 73 13.20 -30.65 11.21
C LYS A 73 13.70 -29.60 10.22
N LEU A 74 13.45 -29.77 8.93
CA LEU A 74 13.96 -28.79 7.97
C LEU A 74 13.07 -27.55 7.87
N PHE A 75 11.76 -27.69 8.05
CA PHE A 75 10.91 -26.50 8.10
C PHE A 75 11.34 -25.60 9.24
N LEU A 76 11.53 -26.17 10.44
CA LEU A 76 12.00 -25.37 11.56
C LEU A 76 13.45 -24.94 11.37
N GLU A 77 14.22 -25.70 10.59
CA GLU A 77 15.60 -25.30 10.35
C GLU A 77 15.68 -24.11 9.40
N ALA A 78 14.71 -23.97 8.50
CA ALA A 78 14.73 -22.86 7.56
C ALA A 78 14.68 -21.51 8.28
N PHE A 79 14.03 -21.46 9.44
CA PHE A 79 13.99 -20.24 10.22
C PHE A 79 15.39 -19.79 10.65
N LYS A 80 16.32 -20.73 10.83
CA LYS A 80 17.67 -20.36 11.23
C LYS A 80 18.47 -19.76 10.09
N ALA A 81 17.94 -19.80 8.87
CA ALA A 81 18.59 -19.15 7.75
C ALA A 81 18.16 -17.70 7.59
N LEU A 82 17.20 -17.23 8.39
CA LEU A 82 16.63 -15.90 8.17
C LEU A 82 17.41 -14.82 8.92
N GLY A 83 17.25 -14.76 10.23
CA GLY A 83 18.08 -13.89 11.05
C GLY A 83 17.42 -12.63 11.57
N GLY A 84 16.32 -12.18 10.96
CA GLY A 84 15.52 -11.12 11.56
C GLY A 84 14.75 -11.61 12.78
N LYS A 85 14.08 -10.68 13.43
CA LYS A 85 13.42 -10.95 14.72
C LYS A 85 11.96 -11.38 14.53
N GLY A 86 11.11 -10.41 14.15
CA GLY A 86 9.66 -10.58 14.11
C GLY A 86 9.25 -11.91 13.56
N PRO A 87 8.13 -12.44 14.07
CA PRO A 87 7.80 -13.85 13.85
C PRO A 87 7.67 -14.19 12.38
N TYR A 88 7.98 -15.43 12.05
CA TYR A 88 7.90 -15.92 10.68
C TYR A 88 6.87 -17.04 10.59
N THR A 89 6.06 -17.01 9.54
CA THR A 89 5.20 -18.14 9.20
C THR A 89 5.66 -18.72 7.87
N LEU A 90 5.91 -20.03 7.86
CA LEU A 90 6.33 -20.75 6.67
C LEU A 90 5.25 -21.78 6.31
N GLN A 91 4.70 -21.66 5.11
CA GLN A 91 3.67 -22.59 4.64
C GLN A 91 4.13 -23.30 3.37
N GLY A 92 3.72 -24.54 3.22
CA GLY A 92 4.09 -25.34 2.06
C GLY A 92 2.89 -26.07 1.51
N LEU A 93 2.88 -26.24 0.19
CA LEU A 93 1.83 -26.97 -0.51
C LEU A 93 2.49 -27.93 -1.48
N LEU A 94 2.33 -29.23 -1.23
CA LEU A 94 3.03 -30.28 -1.96
C LEU A 94 2.03 -31.37 -2.35
N GLY A 95 2.09 -31.79 -3.60
CA GLY A 95 1.25 -32.88 -4.06
C GLY A 95 1.05 -32.80 -5.56
N CYS A 96 0.06 -33.57 -6.02
CA CYS A 96 -0.17 -33.70 -7.46
C CYS A 96 -1.67 -33.71 -7.74
N GLU A 97 -2.02 -33.52 -9.00
CA GLU A 97 -3.40 -33.51 -9.46
C GLU A 97 -3.56 -34.44 -10.65
N LEU A 98 -4.77 -34.96 -10.80
CA LEU A 98 -5.18 -35.56 -12.07
C LEU A 98 -5.42 -34.43 -13.07
N GLY A 99 -4.52 -34.30 -14.04
CA GLY A 99 -4.70 -33.29 -15.06
C GLY A 99 -5.77 -33.69 -16.04
N PRO A 100 -6.30 -32.73 -16.80
CA PRO A 100 -7.18 -33.10 -17.92
C PRO A 100 -6.52 -34.10 -18.89
N ASP A 101 -5.19 -34.21 -18.85
CA ASP A 101 -4.36 -35.13 -19.63
C ASP A 101 -4.65 -36.56 -19.26
N ALA A 102 -3.57 -37.33 -19.18
CA ALA A 102 -3.47 -38.58 -18.44
C ALA A 102 -2.33 -38.48 -17.45
N THR A 103 -2.13 -37.29 -16.85
CA THR A 103 -0.89 -36.94 -16.16
C THR A 103 -1.09 -36.69 -14.68
N SER A 104 0.06 -36.63 -14.00
CA SER A 104 0.23 -35.84 -12.79
C SER A 104 0.58 -34.41 -13.19
N VAL A 105 -0.01 -33.46 -12.48
CA VAL A 105 0.47 -32.08 -12.48
C VAL A 105 0.93 -31.79 -11.06
N PRO A 106 2.23 -31.76 -10.81
CA PRO A 106 2.70 -31.60 -9.42
C PRO A 106 2.61 -30.17 -8.96
N THR A 107 2.52 -30.00 -7.65
CA THR A 107 2.55 -28.68 -7.03
C THR A 107 3.61 -28.72 -5.94
N ALA A 108 4.41 -27.65 -5.87
CA ALA A 108 5.44 -27.59 -4.84
C ALA A 108 5.79 -26.11 -4.63
N LYS A 109 4.96 -25.45 -3.83
CA LYS A 109 5.04 -24.02 -3.60
C LYS A 109 5.18 -23.74 -2.11
N PHE A 110 5.93 -22.69 -1.77
CA PHE A 110 6.16 -22.33 -0.38
C PHE A 110 5.98 -20.83 -0.23
N ALA A 111 5.43 -20.44 0.92
CA ALA A 111 5.08 -19.06 1.20
C ALA A 111 5.72 -18.62 2.51
N LEU A 112 6.19 -17.37 2.54
CA LEU A 112 6.79 -16.77 3.72
C LEU A 112 5.94 -15.59 4.15
N ASN A 113 5.45 -15.63 5.38
CA ASN A 113 4.55 -14.60 5.92
C ASN A 113 3.46 -14.23 4.92
N GLY A 114 2.79 -15.26 4.39
CA GLY A 114 1.52 -15.10 3.70
C GLY A 114 1.56 -15.02 2.19
N GLU A 115 2.73 -14.97 1.54
CA GLU A 115 2.77 -14.90 0.09
C GLU A 115 3.87 -15.81 -0.44
N GLU A 116 3.70 -16.21 -1.70
CA GLU A 116 4.56 -17.23 -2.30
C GLU A 116 5.95 -16.67 -2.54
N PHE A 117 6.97 -17.42 -2.16
CA PHE A 117 8.34 -16.98 -2.33
C PHE A 117 9.29 -18.08 -2.77
N MET A 118 8.84 -19.33 -2.90
CA MET A 118 9.76 -20.41 -3.18
C MET A 118 9.01 -21.54 -3.85
N ASN A 119 9.74 -22.34 -4.63
CA ASN A 119 9.14 -23.48 -5.29
C ASN A 119 10.20 -24.54 -5.50
N PHE A 120 9.75 -25.77 -5.68
CA PHE A 120 10.65 -26.83 -6.13
C PHE A 120 10.60 -26.91 -7.65
N ASP A 121 11.72 -26.64 -8.30
CA ASP A 121 11.83 -26.73 -9.75
C ASP A 121 12.12 -28.18 -10.10
N LEU A 122 11.15 -28.85 -10.74
CA LEU A 122 11.28 -30.27 -11.02
C LEU A 122 12.13 -30.57 -12.25
N LYS A 123 12.23 -29.62 -13.20
CA LYS A 123 13.17 -29.81 -14.29
C LYS A 123 14.61 -29.77 -13.80
N GLN A 124 14.92 -28.86 -12.86
CA GLN A 124 16.25 -28.77 -12.28
C GLN A 124 16.44 -29.70 -11.11
N GLY A 125 15.41 -29.89 -10.28
CA GLY A 125 15.52 -30.74 -9.12
C GLY A 125 15.99 -30.04 -7.87
N THR A 126 15.52 -28.81 -7.67
CA THR A 126 16.03 -28.04 -6.53
C THR A 126 15.05 -26.93 -6.18
N TRP A 127 15.12 -26.50 -4.93
CA TRP A 127 14.33 -25.38 -4.44
C TRP A 127 14.92 -24.07 -4.92
N GLY A 128 14.05 -23.12 -5.22
CA GLY A 128 14.54 -21.83 -5.67
C GLY A 128 13.46 -20.78 -5.55
N GLY A 129 13.89 -19.54 -5.77
CA GLY A 129 13.01 -18.38 -5.64
C GLY A 129 13.83 -17.13 -5.84
N ASP A 130 13.16 -15.98 -5.73
CA ASP A 130 13.84 -14.73 -6.03
C ASP A 130 14.19 -13.89 -4.80
N TRP A 131 13.38 -13.91 -3.74
CA TRP A 131 13.70 -13.12 -2.56
C TRP A 131 14.99 -13.66 -1.94
N PRO A 132 15.78 -12.80 -1.29
CA PRO A 132 16.97 -13.30 -0.60
C PRO A 132 16.62 -14.34 0.46
N GLU A 133 15.41 -14.28 1.00
CA GLU A 133 14.99 -15.32 1.94
C GLU A 133 14.83 -16.66 1.24
N ALA A 134 14.46 -16.64 -0.04
CA ALA A 134 14.28 -17.87 -0.79
C ALA A 134 15.63 -18.51 -1.11
N LEU A 135 16.63 -17.70 -1.44
CA LEU A 135 17.95 -18.27 -1.71
C LEU A 135 18.56 -18.81 -0.42
N ALA A 136 18.38 -18.10 0.69
CA ALA A 136 18.93 -18.54 1.96
C ALA A 136 18.34 -19.88 2.40
N ILE A 137 17.05 -20.08 2.15
CA ILE A 137 16.41 -21.30 2.65
C ILE A 137 16.59 -22.46 1.66
N SER A 138 16.51 -22.19 0.37
CA SER A 138 16.68 -23.26 -0.61
C SER A 138 18.05 -23.90 -0.50
N GLN A 139 19.09 -23.09 -0.24
CA GLN A 139 20.42 -23.67 -0.12
C GLN A 139 20.59 -24.39 1.21
N ARG A 140 19.90 -23.94 2.26
CA ARG A 140 19.89 -24.71 3.51
C ARG A 140 19.29 -26.09 3.29
N TRP A 141 18.20 -26.18 2.51
CA TRP A 141 17.59 -27.48 2.24
C TRP A 141 18.42 -28.28 1.26
N GLN A 142 18.99 -27.61 0.25
CA GLN A 142 19.86 -28.32 -0.69
C GLN A 142 21.11 -28.87 0.00
N GLN A 143 21.52 -28.31 1.14
CA GLN A 143 22.66 -28.84 1.89
C GLN A 143 22.33 -30.14 2.62
N GLN A 144 21.09 -30.59 2.58
CA GLN A 144 20.72 -31.90 3.09
C GLN A 144 20.73 -32.89 1.93
N ASP A 145 21.65 -33.85 1.96
CA ASP A 145 21.59 -34.94 1.00
C ASP A 145 20.28 -35.71 1.18
N LYS A 146 19.87 -36.36 0.09
CA LYS A 146 18.62 -37.12 -0.03
C LYS A 146 17.39 -36.21 -0.10
N ALA A 147 17.45 -35.01 0.49
CA ALA A 147 16.25 -34.21 0.71
C ALA A 147 15.61 -33.80 -0.61
N ALA A 148 16.40 -33.25 -1.52
CA ALA A 148 15.86 -32.92 -2.84
C ALA A 148 15.44 -34.18 -3.58
N ASN A 149 16.23 -35.25 -3.47
CA ASN A 149 15.89 -36.49 -4.15
C ASN A 149 14.55 -37.06 -3.64
N LYS A 150 14.31 -36.99 -2.33
CA LYS A 150 13.04 -37.46 -1.79
C LYS A 150 11.88 -36.56 -2.22
N GLU A 151 12.10 -35.26 -2.30
CA GLU A 151 11.05 -34.35 -2.73
C GLU A 151 10.63 -34.64 -4.16
N LEU A 152 11.63 -34.86 -5.03
CA LEU A 152 11.32 -35.14 -6.43
C LEU A 152 10.69 -36.52 -6.61
N THR A 153 11.07 -37.50 -5.78
CA THR A 153 10.48 -38.82 -5.92
C THR A 153 9.00 -38.79 -5.61
N PHE A 154 8.62 -38.13 -4.52
CA PHE A 154 7.22 -38.02 -4.15
C PHE A 154 6.41 -37.34 -5.25
N LEU A 155 6.88 -36.19 -5.75
CA LEU A 155 6.06 -35.40 -6.65
C LEU A 155 5.88 -36.08 -8.00
N LEU A 156 6.92 -36.76 -8.49
CA LEU A 156 6.85 -37.31 -9.84
C LEU A 156 6.48 -38.78 -9.88
N PHE A 157 6.60 -39.51 -8.76
CA PHE A 157 6.31 -40.94 -8.80
C PHE A 157 5.34 -41.41 -7.72
N SER A 158 5.72 -41.25 -6.44
CA SER A 158 4.86 -41.73 -5.36
C SER A 158 3.48 -41.12 -5.44
N CYS A 159 3.41 -39.81 -5.68
CA CYS A 159 2.12 -39.12 -5.60
C CYS A 159 1.19 -39.50 -6.75
N PRO A 160 1.61 -39.47 -8.02
CA PRO A 160 0.69 -39.95 -9.07
C PRO A 160 0.36 -41.43 -8.92
N HIS A 161 1.29 -42.24 -8.43
CA HIS A 161 1.02 -43.66 -8.18
C HIS A 161 -0.15 -43.82 -7.22
N ARG A 162 -0.09 -43.16 -6.08
CA ARG A 162 -1.15 -43.28 -5.08
C ARG A 162 -2.46 -42.73 -5.63
N LEU A 163 -2.40 -41.63 -6.39
CA LEU A 163 -3.63 -41.06 -6.93
C LEU A 163 -4.32 -42.03 -7.88
N ARG A 164 -3.55 -42.79 -8.66
CA ARG A 164 -4.14 -43.72 -9.60
C ARG A 164 -4.74 -44.92 -8.88
N GLU A 165 -4.05 -45.42 -7.86
CA GLU A 165 -4.58 -46.56 -7.12
C GLU A 165 -5.74 -46.16 -6.21
N HIS A 166 -5.80 -44.90 -5.77
CA HIS A 166 -6.98 -44.40 -5.07
C HIS A 166 -8.08 -44.10 -6.09
N LEU A 167 -8.15 -44.93 -7.14
CA LEU A 167 -9.32 -44.98 -8.01
C LEU A 167 -10.37 -45.92 -7.46
N GLU A 168 -9.94 -47.09 -7.01
CA GLU A 168 -10.84 -48.16 -6.60
C GLU A 168 -10.61 -48.53 -5.13
N GLU A 175 -17.96 -39.40 -5.92
CA GLU A 175 -19.09 -39.33 -6.86
C GLU A 175 -20.43 -39.13 -6.12
N TRP A 176 -20.33 -38.89 -4.81
CA TRP A 176 -21.51 -38.62 -4.00
C TRP A 176 -22.19 -37.32 -4.46
N LYS A 177 -23.52 -37.33 -4.45
CA LYS A 177 -24.32 -36.15 -4.79
C LYS A 177 -25.35 -35.92 -3.70
N GLU A 178 -25.62 -34.65 -3.42
CA GLU A 178 -26.66 -34.24 -2.47
C GLU A 178 -27.01 -32.78 -2.72
N PRO A 179 -28.21 -32.50 -3.22
CA PRO A 179 -28.56 -31.12 -3.58
C PRO A 179 -28.82 -30.27 -2.35
N PRO A 180 -28.71 -28.95 -2.47
CA PRO A 180 -28.91 -28.09 -1.30
C PRO A 180 -30.37 -27.84 -0.97
N SER A 181 -30.66 -27.73 0.32
CA SER A 181 -31.95 -27.22 0.77
C SER A 181 -31.90 -25.71 0.72
N MET A 182 -32.75 -25.11 -0.12
CA MET A 182 -32.70 -23.68 -0.42
C MET A 182 -33.70 -22.90 0.44
N ARG A 183 -33.34 -21.65 0.74
CA ARG A 183 -34.22 -20.69 1.42
C ARG A 183 -33.89 -19.30 0.90
N LEU A 184 -34.94 -18.52 0.64
CA LEU A 184 -34.80 -17.14 0.19
C LEU A 184 -35.63 -16.26 1.12
N LYS A 185 -34.94 -15.42 1.91
CA LYS A 185 -35.58 -14.66 2.98
C LYS A 185 -35.23 -13.18 2.86
N ALA A 186 -36.25 -12.34 2.94
CA ALA A 186 -36.08 -10.89 2.96
C ALA A 186 -36.01 -10.39 4.40
N ARG A 187 -35.30 -9.28 4.58
CA ARG A 187 -35.04 -8.73 5.90
C ARG A 187 -34.89 -7.21 5.74
N PRO A 188 -35.54 -6.42 6.59
CA PRO A 188 -35.42 -4.96 6.47
C PRO A 188 -33.99 -4.51 6.72
N SER A 189 -33.52 -3.57 5.88
CA SER A 189 -32.12 -3.16 5.84
C SER A 189 -31.92 -1.75 6.37
N SER A 190 -31.51 -0.83 5.51
CA SER A 190 -31.45 0.59 5.82
C SER A 190 -32.87 1.16 5.71
N PRO A 191 -33.07 2.45 5.96
CA PRO A 191 -34.36 3.06 5.64
C PRO A 191 -34.61 3.00 4.14
N GLY A 192 -35.80 2.55 3.76
CA GLY A 192 -36.16 2.42 2.36
C GLY A 192 -35.41 1.37 1.57
N PHE A 193 -34.73 0.44 2.26
CA PHE A 193 -34.04 -0.67 1.61
C PHE A 193 -34.33 -1.95 2.37
N SER A 194 -34.16 -3.08 1.66
CA SER A 194 -34.25 -4.41 2.27
C SER A 194 -33.06 -5.25 1.80
N VAL A 195 -32.89 -6.40 2.46
CA VAL A 195 -31.80 -7.33 2.15
C VAL A 195 -32.39 -8.69 1.85
N LEU A 196 -32.19 -9.18 0.63
CA LEU A 196 -32.54 -10.53 0.25
C LEU A 196 -31.35 -11.44 0.48
N THR A 197 -31.58 -12.61 1.09
CA THR A 197 -30.51 -13.56 1.35
C THR A 197 -30.94 -14.94 0.90
N CYS A 198 -30.23 -15.48 -0.08
CA CYS A 198 -30.46 -16.80 -0.63
C CYS A 198 -29.48 -17.77 0.01
N SER A 199 -30.00 -18.81 0.66
CA SER A 199 -29.16 -19.72 1.43
C SER A 199 -29.28 -21.14 0.89
N ALA A 200 -28.16 -21.87 0.90
CA ALA A 200 -28.09 -23.25 0.41
C ALA A 200 -27.46 -24.11 1.50
N PHE A 201 -28.23 -25.04 2.05
CA PHE A 201 -27.79 -25.80 3.22
C PHE A 201 -27.32 -27.19 2.82
N SER A 202 -26.20 -27.61 3.42
CA SER A 202 -25.61 -28.95 3.35
C SER A 202 -25.78 -29.62 1.99
N PHE A 203 -24.86 -29.33 1.07
CA PHE A 203 -24.85 -29.92 -0.26
C PHE A 203 -23.46 -30.52 -0.50
N TYR A 204 -23.36 -31.36 -1.53
CA TYR A 204 -22.10 -31.97 -1.94
C TYR A 204 -22.26 -32.42 -3.38
N PRO A 205 -21.26 -32.24 -4.25
CA PRO A 205 -19.93 -31.63 -4.09
C PRO A 205 -19.99 -30.12 -3.81
N PRO A 206 -18.86 -29.49 -3.49
CA PRO A 206 -18.90 -28.07 -3.10
C PRO A 206 -19.18 -27.09 -4.22
N GLU A 207 -19.02 -27.49 -5.49
CA GLU A 207 -19.21 -26.54 -6.58
C GLU A 207 -20.68 -26.13 -6.67
N LEU A 208 -20.95 -24.84 -6.48
CA LEU A 208 -22.32 -24.32 -6.45
C LEU A 208 -22.30 -22.83 -6.73
N GLN A 209 -23.30 -22.36 -7.48
CA GLN A 209 -23.39 -20.96 -7.86
C GLN A 209 -24.76 -20.43 -7.53
N LEU A 210 -24.80 -19.19 -7.04
CA LEU A 210 -26.04 -18.47 -6.79
C LEU A 210 -26.08 -17.24 -7.68
N ARG A 211 -27.26 -16.96 -8.23
CA ARG A 211 -27.49 -15.77 -9.03
C ARG A 211 -28.86 -15.21 -8.71
N PHE A 212 -28.98 -13.89 -8.77
CA PHE A 212 -30.23 -13.18 -8.52
C PHE A 212 -30.82 -12.71 -9.84
N LEU A 213 -32.14 -12.75 -9.93
CA LEU A 213 -32.86 -12.23 -11.09
C LEU A 213 -33.90 -11.24 -10.59
N ARG A 214 -34.11 -10.19 -11.37
CA ARG A 214 -35.18 -9.22 -11.11
C ARG A 214 -35.99 -9.08 -12.38
N ASN A 215 -37.25 -9.51 -12.34
CA ASN A 215 -38.13 -9.48 -13.51
C ASN A 215 -37.58 -10.32 -14.66
N GLY A 216 -36.91 -11.43 -14.32
CA GLY A 216 -36.29 -12.27 -15.33
C GLY A 216 -35.00 -11.72 -15.90
N LEU A 217 -34.47 -10.63 -15.34
CA LEU A 217 -33.21 -10.03 -15.78
C LEU A 217 -32.13 -10.26 -14.73
N ALA A 218 -30.87 -10.28 -15.18
CA ALA A 218 -29.75 -10.48 -14.26
C ALA A 218 -29.70 -9.34 -13.25
N ALA A 219 -29.79 -9.69 -11.97
CA ALA A 219 -29.51 -8.75 -10.89
C ALA A 219 -28.08 -8.85 -10.40
N GLY A 220 -27.20 -9.51 -11.17
CA GLY A 220 -25.85 -9.77 -10.74
C GLY A 220 -25.75 -10.88 -9.69
N THR A 221 -24.50 -11.22 -9.37
CA THR A 221 -24.26 -11.93 -8.14
C THR A 221 -24.64 -11.05 -6.96
N GLY A 222 -24.89 -11.68 -5.83
CA GLY A 222 -24.96 -10.98 -4.56
C GLY A 222 -23.58 -10.91 -3.93
N GLN A 223 -23.56 -10.86 -2.61
CA GLN A 223 -22.33 -10.99 -1.84
C GLN A 223 -22.27 -12.43 -1.36
N GLY A 224 -21.33 -13.21 -1.93
CA GLY A 224 -21.33 -14.65 -1.74
C GLY A 224 -20.49 -15.10 -0.56
N ASP A 225 -21.08 -15.95 0.27
CA ASP A 225 -20.39 -16.63 1.37
C ASP A 225 -20.41 -18.14 1.14
N PHE A 226 -19.36 -18.80 1.62
CA PHE A 226 -19.16 -20.23 1.41
C PHE A 226 -18.44 -20.81 2.61
N GLY A 227 -18.92 -21.95 3.12
CA GLY A 227 -18.32 -22.55 4.29
C GLY A 227 -18.57 -24.05 4.39
N PRO A 228 -17.71 -24.75 5.12
CA PRO A 228 -17.86 -26.19 5.27
C PRO A 228 -18.81 -26.56 6.40
N ASN A 229 -19.35 -27.77 6.30
CA ASN A 229 -20.07 -28.39 7.41
C ASN A 229 -19.19 -29.50 7.99
N SER A 230 -19.53 -29.91 9.22
CA SER A 230 -18.68 -30.89 9.91
C SER A 230 -18.85 -32.30 9.38
N ASP A 231 -19.88 -32.56 8.58
CA ASP A 231 -20.13 -33.91 8.09
C ASP A 231 -19.53 -34.16 6.72
N GLY A 232 -18.87 -33.16 6.13
CA GLY A 232 -18.37 -33.24 4.78
C GLY A 232 -19.20 -32.48 3.77
N SER A 233 -20.34 -31.90 4.18
CA SER A 233 -21.14 -31.10 3.28
C SER A 233 -20.72 -29.63 3.37
N PHE A 234 -21.36 -28.79 2.56
CA PHE A 234 -20.99 -27.40 2.47
C PHE A 234 -22.23 -26.52 2.50
N HIS A 235 -22.00 -25.25 2.81
CA HIS A 235 -23.04 -24.26 2.98
C HIS A 235 -22.67 -23.05 2.15
N ALA A 236 -23.68 -22.35 1.64
CA ALA A 236 -23.40 -21.12 0.91
C ALA A 236 -24.56 -20.13 1.10
N SER A 237 -24.28 -18.86 0.85
CA SER A 237 -25.29 -17.83 0.97
C SER A 237 -24.89 -16.66 0.08
N SER A 238 -25.89 -15.95 -0.39
CA SER A 238 -25.69 -14.73 -1.15
C SER A 238 -26.75 -13.72 -0.73
N SER A 239 -26.35 -12.45 -0.66
CA SER A 239 -27.23 -11.40 -0.17
C SER A 239 -27.19 -10.23 -1.14
N LEU A 240 -28.37 -9.74 -1.52
CA LEU A 240 -28.49 -8.57 -2.36
C LEU A 240 -29.31 -7.53 -1.61
N THR A 241 -28.82 -6.30 -1.56
CA THR A 241 -29.57 -5.20 -0.97
C THR A 241 -30.44 -4.59 -2.07
N VAL A 242 -31.75 -4.53 -1.81
CA VAL A 242 -32.72 -4.02 -2.76
C VAL A 242 -33.59 -2.97 -2.08
N LYS A 243 -34.54 -2.43 -2.84
CA LYS A 243 -35.39 -1.33 -2.39
C LYS A 243 -36.71 -1.87 -1.86
N SER A 244 -37.15 -1.32 -0.71
CA SER A 244 -38.31 -1.87 -0.01
C SER A 244 -39.54 -1.88 -0.90
N GLY A 245 -40.41 -2.86 -0.67
CA GLY A 245 -41.56 -3.07 -1.53
C GLY A 245 -41.22 -3.84 -2.80
N ASP A 246 -40.03 -3.60 -3.34
CA ASP A 246 -39.56 -4.22 -4.58
C ASP A 246 -38.99 -5.62 -4.35
N GLU A 247 -39.20 -6.22 -3.18
CA GLU A 247 -38.54 -7.48 -2.87
C GLU A 247 -39.17 -8.67 -3.61
N HIS A 248 -40.50 -8.70 -3.74
CA HIS A 248 -41.17 -9.81 -4.41
C HIS A 248 -40.84 -9.89 -5.90
N HIS A 249 -40.16 -8.88 -6.47
CA HIS A 249 -39.73 -8.87 -7.85
C HIS A 249 -38.43 -9.62 -8.09
N TYR A 250 -37.97 -10.36 -7.09
CA TYR A 250 -36.66 -11.00 -7.14
C TYR A 250 -36.80 -12.49 -6.91
N CYS A 251 -35.94 -13.26 -7.58
CA CYS A 251 -35.80 -14.69 -7.35
C CYS A 251 -34.33 -15.05 -7.42
N CYS A 252 -34.04 -16.28 -6.98
CA CYS A 252 -32.68 -16.77 -6.84
C CYS A 252 -32.56 -18.08 -7.61
N ILE A 253 -31.51 -18.20 -8.41
CA ILE A 253 -31.27 -19.40 -9.23
C ILE A 253 -30.00 -20.07 -8.76
N VAL A 254 -30.11 -21.32 -8.33
CA VAL A 254 -28.98 -22.10 -7.83
C VAL A 254 -28.65 -23.20 -8.84
N GLN A 255 -27.36 -23.38 -9.10
CA GLN A 255 -26.86 -24.46 -9.92
C GLN A 255 -25.95 -25.36 -9.09
N HIS A 256 -26.12 -26.68 -9.26
CA HIS A 256 -25.40 -27.67 -8.47
C HIS A 256 -25.51 -29.02 -9.17
N ALA A 257 -24.47 -29.85 -9.00
CA ALA A 257 -24.46 -31.15 -9.67
C ALA A 257 -25.58 -32.05 -9.20
N GLY A 258 -26.19 -31.77 -8.07
CA GLY A 258 -27.29 -32.53 -7.51
C GLY A 258 -28.65 -32.13 -8.04
N LEU A 259 -28.71 -31.29 -9.07
CA LEU A 259 -29.96 -30.81 -9.63
C LEU A 259 -30.04 -31.19 -11.10
N ALA A 260 -31.23 -31.63 -11.54
CA ALA A 260 -31.40 -31.92 -12.96
C ALA A 260 -31.15 -30.68 -13.79
N GLN A 261 -31.75 -29.56 -13.39
CA GLN A 261 -31.74 -28.28 -14.10
C GLN A 261 -31.56 -27.17 -13.09
N PRO A 262 -31.18 -25.96 -13.52
CA PRO A 262 -31.13 -24.83 -12.58
C PRO A 262 -32.43 -24.69 -11.82
N LEU A 263 -32.32 -24.44 -10.51
CA LEU A 263 -33.47 -24.38 -9.62
C LEU A 263 -33.77 -22.93 -9.25
N ARG A 264 -35.01 -22.51 -9.47
CA ARG A 264 -35.44 -21.17 -9.12
C ARG A 264 -36.06 -21.20 -7.72
N VAL A 265 -35.58 -20.32 -6.85
CA VAL A 265 -36.06 -20.21 -5.47
C VAL A 265 -36.84 -18.91 -5.33
N GLU A 266 -38.00 -18.98 -4.70
CA GLU A 266 -38.85 -17.82 -4.54
C GLU A 266 -38.91 -17.40 -3.08
N LEU A 267 -39.43 -16.20 -2.86
CA LEU A 267 -39.57 -15.63 -1.52
C LEU A 267 -40.70 -16.28 -0.70
N ILE B 1 1.06 -8.77 5.08
CA ILE B 1 0.89 -10.09 5.74
C ILE B 1 -0.41 -10.21 6.55
N GLN B 2 -0.54 -9.39 7.59
CA GLN B 2 -1.69 -9.52 8.48
C GLN B 2 -3.01 -9.35 7.73
N ARG B 3 -3.91 -10.32 7.92
CA ARG B 3 -5.24 -10.32 7.34
C ARG B 3 -6.27 -10.62 8.42
N THR B 4 -7.40 -9.92 8.38
CA THR B 4 -8.30 -10.07 9.52
C THR B 4 -9.39 -11.11 9.21
N PRO B 5 -9.85 -11.85 10.23
CA PRO B 5 -10.76 -12.98 9.95
C PRO B 5 -12.07 -12.56 9.34
N LYS B 6 -12.60 -13.43 8.48
CA LYS B 6 -14.02 -13.45 8.14
C LYS B 6 -14.69 -14.46 9.06
N ILE B 7 -15.86 -14.10 9.59
CA ILE B 7 -16.57 -14.95 10.56
C ILE B 7 -17.97 -15.18 10.03
N GLN B 8 -18.30 -16.42 9.70
CA GLN B 8 -19.63 -16.79 9.25
C GLN B 8 -20.26 -17.74 10.26
N VAL B 9 -21.54 -17.51 10.56
CA VAL B 9 -22.28 -18.32 11.53
C VAL B 9 -23.53 -18.83 10.84
N TYR B 10 -23.73 -20.15 10.89
CA TYR B 10 -24.82 -20.77 10.17
C TYR B 10 -25.08 -22.14 10.76
N SER B 11 -26.33 -22.58 10.66
CA SER B 11 -26.72 -23.94 11.02
C SER B 11 -26.52 -24.87 9.83
N ARG B 12 -26.22 -26.14 10.13
CA ARG B 12 -26.02 -27.11 9.06
C ARG B 12 -27.28 -27.27 8.22
N HIS B 13 -28.43 -27.32 8.87
CA HIS B 13 -29.72 -27.50 8.22
C HIS B 13 -30.59 -26.29 8.48
N PRO B 14 -31.57 -26.03 7.63
CA PRO B 14 -32.51 -24.91 7.90
C PRO B 14 -33.06 -25.04 9.30
N ALA B 15 -32.99 -23.94 10.05
CA ALA B 15 -33.27 -23.97 11.47
C ALA B 15 -34.78 -24.03 11.72
N GLU B 16 -35.19 -24.97 12.58
CA GLU B 16 -36.53 -24.98 13.13
C GLU B 16 -36.44 -25.29 14.61
N ASN B 17 -37.38 -24.76 15.39
CA ASN B 17 -37.33 -24.92 16.84
C ASN B 17 -37.76 -26.33 17.22
N GLY B 18 -36.97 -26.98 18.09
CA GLY B 18 -37.26 -28.31 18.55
C GLY B 18 -36.39 -29.39 17.93
N LYS B 19 -36.05 -29.25 16.64
CA LYS B 19 -35.22 -30.26 15.97
C LYS B 19 -33.75 -30.02 16.25
N SER B 20 -33.02 -31.13 16.45
CA SER B 20 -31.59 -31.05 16.66
C SER B 20 -30.89 -30.66 15.37
N ASN B 21 -29.78 -29.95 15.51
CA ASN B 21 -29.06 -29.41 14.37
C ASN B 21 -27.61 -29.26 14.76
N PHE B 22 -26.85 -28.55 13.93
CA PHE B 22 -25.47 -28.21 14.22
C PHE B 22 -25.30 -26.72 14.01
N LEU B 23 -24.56 -26.09 14.92
CA LEU B 23 -24.19 -24.69 14.77
C LEU B 23 -22.72 -24.60 14.39
N ASN B 24 -22.44 -23.91 13.29
CA ASN B 24 -21.07 -23.73 12.81
C ASN B 24 -20.65 -22.28 12.93
N CYS B 25 -19.37 -22.09 13.24
CA CYS B 25 -18.69 -20.80 13.13
C CYS B 25 -17.47 -21.02 12.25
N TYR B 26 -17.45 -20.41 11.08
CA TYR B 26 -16.37 -20.62 10.11
C TYR B 26 -15.53 -19.36 10.05
N VAL B 27 -14.30 -19.46 10.53
CA VAL B 27 -13.37 -18.34 10.58
C VAL B 27 -12.34 -18.58 9.50
N SER B 28 -12.26 -17.67 8.53
CA SER B 28 -11.48 -17.92 7.33
C SER B 28 -10.77 -16.65 6.89
N GLY B 29 -9.75 -16.83 6.04
CA GLY B 29 -9.09 -15.71 5.42
C GLY B 29 -8.22 -14.86 6.33
N PHE B 30 -7.69 -15.42 7.40
CA PHE B 30 -6.90 -14.65 8.34
C PHE B 30 -5.42 -15.07 8.29
N HIS B 31 -4.57 -14.23 8.87
CA HIS B 31 -3.13 -14.38 8.87
C HIS B 31 -2.56 -13.38 9.87
N PRO B 32 -1.65 -13.78 10.75
CA PRO B 32 -1.09 -15.14 10.89
C PRO B 32 -2.05 -16.10 11.58
N SER B 33 -1.56 -17.28 11.99
CA SER B 33 -2.42 -18.40 12.33
C SER B 33 -3.00 -18.35 13.74
N ASP B 34 -2.37 -17.61 14.65
CA ASP B 34 -2.87 -17.56 16.03
C ASP B 34 -4.27 -16.94 16.07
N ILE B 35 -5.23 -17.70 16.59
CA ILE B 35 -6.61 -17.24 16.67
C ILE B 35 -7.30 -17.98 17.80
N GLU B 36 -8.32 -17.34 18.38
CA GLU B 36 -9.13 -17.96 19.42
C GLU B 36 -10.60 -17.72 19.12
N VAL B 37 -11.38 -18.79 19.24
CA VAL B 37 -12.78 -18.79 18.84
C VAL B 37 -13.60 -19.46 19.94
N ASP B 38 -14.74 -18.86 20.29
CA ASP B 38 -15.67 -19.38 21.28
C ASP B 38 -17.08 -19.37 20.70
N LEU B 39 -17.84 -20.42 21.01
CA LEU B 39 -19.27 -20.45 20.71
C LEU B 39 -20.03 -20.06 21.98
N LEU B 40 -20.98 -19.15 21.84
CA LEU B 40 -21.61 -18.49 22.98
C LEU B 40 -23.11 -18.74 22.98
N LYS B 41 -23.59 -19.49 23.97
CA LYS B 41 -25.03 -19.71 24.16
C LYS B 41 -25.55 -18.67 25.14
N ASN B 42 -26.45 -17.82 24.67
CA ASN B 42 -27.09 -16.77 25.47
C ASN B 42 -26.08 -15.82 26.12
N GLY B 43 -24.79 -15.96 25.79
CA GLY B 43 -23.84 -14.99 26.27
C GLY B 43 -22.53 -15.52 26.81
N GLU B 44 -22.47 -16.79 27.21
CA GLU B 44 -21.21 -17.32 27.72
C GLU B 44 -20.92 -18.69 27.12
N ARG B 45 -19.75 -19.22 27.49
CA ARG B 45 -19.08 -20.23 26.70
C ARG B 45 -19.83 -21.56 26.73
N ILE B 46 -20.01 -22.17 25.56
CA ILE B 46 -20.38 -23.57 25.45
C ILE B 46 -19.09 -24.38 25.47
N GLU B 47 -19.06 -25.42 26.32
CA GLU B 47 -17.84 -26.20 26.47
C GLU B 47 -17.82 -27.47 25.63
N LYS B 48 -18.98 -28.00 25.24
CA LYS B 48 -19.01 -29.15 24.32
C LYS B 48 -19.02 -28.61 22.89
N VAL B 49 -17.83 -28.17 22.47
CA VAL B 49 -17.56 -27.74 21.10
C VAL B 49 -16.41 -28.59 20.58
N GLU B 50 -16.37 -28.77 19.26
CA GLU B 50 -15.19 -29.33 18.64
C GLU B 50 -14.93 -28.58 17.33
N HIS B 51 -13.68 -28.63 16.89
CA HIS B 51 -13.22 -27.80 15.78
C HIS B 51 -12.41 -28.62 14.80
N SER B 52 -12.27 -28.09 13.58
CA SER B 52 -11.44 -28.73 12.57
C SER B 52 -9.97 -28.48 12.85
N ASP B 53 -9.13 -29.17 12.10
CA ASP B 53 -7.72 -28.83 12.05
C ASP B 53 -7.55 -27.43 11.43
N LEU B 54 -6.60 -26.68 11.96
CA LEU B 54 -6.23 -25.41 11.36
C LEU B 54 -5.53 -25.67 10.02
N SER B 55 -6.06 -25.10 8.95
CA SER B 55 -5.49 -25.31 7.61
C SER B 55 -5.50 -23.99 6.85
N PHE B 56 -5.17 -24.04 5.56
CA PHE B 56 -5.09 -22.83 4.77
C PHE B 56 -5.52 -23.06 3.33
N SER B 57 -6.15 -22.03 2.76
CA SER B 57 -6.63 -22.00 1.39
C SER B 57 -5.48 -21.72 0.43
N LYS B 58 -5.84 -21.64 -0.86
CA LYS B 58 -4.82 -21.45 -1.90
C LYS B 58 -4.17 -20.08 -1.83
N ASP B 59 -4.89 -19.05 -1.36
CA ASP B 59 -4.31 -17.73 -1.21
C ASP B 59 -3.45 -17.60 0.07
N TRP B 60 -3.20 -18.71 0.77
CA TRP B 60 -2.35 -18.87 1.93
C TRP B 60 -3.01 -18.42 3.23
N SER B 61 -4.19 -17.82 3.19
CA SER B 61 -4.88 -17.48 4.43
C SER B 61 -5.40 -18.73 5.10
N PHE B 62 -5.48 -18.67 6.43
CA PHE B 62 -5.87 -19.79 7.27
C PHE B 62 -7.39 -19.81 7.45
N TYR B 63 -7.90 -20.99 7.81
CA TYR B 63 -9.32 -21.13 8.13
C TYR B 63 -9.47 -22.18 9.21
N LEU B 64 -10.68 -22.24 9.78
CA LEU B 64 -10.99 -23.06 10.93
C LEU B 64 -12.50 -23.14 11.08
N LEU B 65 -13.01 -24.35 11.32
CA LEU B 65 -14.45 -24.56 11.56
C LEU B 65 -14.67 -24.97 13.02
N TYR B 66 -15.48 -24.20 13.73
CA TYR B 66 -15.96 -24.55 15.06
C TYR B 66 -17.42 -24.95 14.96
N TYR B 67 -17.77 -26.12 15.50
CA TYR B 67 -19.13 -26.63 15.39
C TYR B 67 -19.56 -27.32 16.68
N THR B 68 -20.89 -27.37 16.88
CA THR B 68 -21.47 -28.01 18.05
C THR B 68 -22.85 -28.53 17.72
N GLU B 69 -23.25 -29.59 18.44
CA GLU B 69 -24.58 -30.19 18.33
C GLU B 69 -25.51 -29.45 19.28
N PHE B 70 -26.61 -28.92 18.76
CA PHE B 70 -27.51 -28.11 19.56
C PHE B 70 -28.95 -28.30 19.09
N THR B 71 -29.87 -27.67 19.80
CA THR B 71 -31.28 -27.71 19.43
C THR B 71 -31.89 -26.34 19.67
N PRO B 72 -32.23 -25.63 18.60
CA PRO B 72 -32.59 -24.21 18.75
C PRO B 72 -33.92 -24.03 19.45
N THR B 73 -33.91 -23.25 20.52
CA THR B 73 -35.15 -22.80 21.11
C THR B 73 -35.56 -21.45 20.54
N GLU B 74 -36.78 -21.04 20.90
CA GLU B 74 -37.28 -19.74 20.46
C GLU B 74 -36.44 -18.60 21.01
N LYS B 75 -36.04 -18.68 22.29
CA LYS B 75 -35.43 -17.56 22.99
C LYS B 75 -33.91 -17.63 23.04
N ASP B 76 -33.31 -18.82 23.16
CA ASP B 76 -31.86 -18.90 23.35
C ASP B 76 -31.12 -18.24 22.18
N GLU B 77 -30.01 -17.57 22.51
CA GLU B 77 -29.26 -16.84 21.51
C GLU B 77 -27.84 -17.38 21.42
N TYR B 78 -27.38 -17.57 20.20
CA TYR B 78 -26.09 -18.17 19.92
C TYR B 78 -25.25 -17.20 19.11
N ALA B 79 -23.96 -17.13 19.44
CA ALA B 79 -23.04 -16.24 18.76
C ALA B 79 -21.66 -16.88 18.75
N CYS B 80 -20.75 -16.25 17.99
CA CYS B 80 -19.37 -16.69 17.89
C CYS B 80 -18.47 -15.56 18.35
N ARG B 81 -17.41 -15.90 19.08
CA ARG B 81 -16.49 -14.92 19.68
C ARG B 81 -15.07 -15.19 19.20
N VAL B 82 -14.56 -14.34 18.31
CA VAL B 82 -13.27 -14.53 17.66
C VAL B 82 -12.30 -13.46 18.14
N ASN B 83 -11.06 -13.85 18.39
CA ASN B 83 -10.02 -12.90 18.74
C ASN B 83 -8.75 -13.19 17.97
N HIS B 84 -8.23 -12.16 17.32
CA HIS B 84 -7.09 -12.24 16.39
C HIS B 84 -6.25 -10.98 16.55
N VAL B 85 -4.98 -11.09 16.15
CA VAL B 85 -4.05 -9.99 16.33
C VAL B 85 -4.49 -8.74 15.57
N THR B 86 -5.35 -8.90 14.57
CA THR B 86 -5.84 -7.78 13.76
C THR B 86 -7.06 -7.10 14.37
N LEU B 87 -7.52 -7.55 15.53
CA LEU B 87 -8.76 -7.07 16.12
C LEU B 87 -8.44 -6.30 17.40
N SER B 88 -8.87 -5.04 17.45
CA SER B 88 -8.72 -4.25 18.68
C SER B 88 -9.37 -4.96 19.86
N GLN B 89 -10.59 -5.45 19.67
CA GLN B 89 -11.41 -6.09 20.68
C GLN B 89 -12.08 -7.29 20.03
N PRO B 90 -12.22 -8.40 20.77
CA PRO B 90 -12.84 -9.60 20.18
C PRO B 90 -14.18 -9.27 19.54
N LYS B 91 -14.40 -9.85 18.37
CA LYS B 91 -15.61 -9.60 17.60
C LYS B 91 -16.62 -10.70 17.88
N ILE B 92 -17.90 -10.31 17.95
CA ILE B 92 -19.01 -11.22 18.19
C ILE B 92 -19.93 -11.16 16.99
N VAL B 93 -20.33 -12.33 16.49
CA VAL B 93 -21.26 -12.44 15.38
C VAL B 93 -22.45 -13.25 15.86
N LYS B 94 -23.59 -12.58 16.01
CA LYS B 94 -24.80 -13.28 16.40
C LYS B 94 -25.20 -14.25 15.29
N TRP B 95 -25.90 -15.32 15.68
CA TRP B 95 -26.48 -16.23 14.69
C TRP B 95 -27.84 -15.68 14.29
N ASP B 96 -27.95 -15.20 13.06
CA ASP B 96 -29.24 -14.76 12.53
C ASP B 96 -30.03 -15.96 12.03
N ARG B 97 -31.25 -16.13 12.53
CA ARG B 97 -32.07 -17.28 12.14
C ARG B 97 -32.64 -17.17 10.73
N ASP B 98 -32.41 -16.04 10.04
CA ASP B 98 -32.79 -15.91 8.64
C ASP B 98 -31.70 -16.43 7.70
N MET B 99 -30.44 -16.13 8.00
CA MET B 99 -29.33 -16.70 7.24
C MET B 99 -29.09 -18.16 7.66
N ASP C 1 -4.79 1.94 13.46
CA ASP C 1 -3.60 2.33 12.71
C ASP C 1 -2.44 2.70 13.64
N ILE C 2 -1.27 2.13 13.38
CA ILE C 2 -0.10 2.44 14.19
C ILE C 2 0.40 3.83 13.81
N GLN C 3 0.52 4.70 14.81
CA GLN C 3 0.97 6.07 14.61
C GLN C 3 2.47 6.16 14.81
N MET C 4 3.15 6.80 13.86
CA MET C 4 4.59 7.01 13.97
C MET C 4 4.83 8.47 14.29
N THR C 5 5.41 8.72 15.47
CA THR C 5 5.74 10.06 15.92
C THR C 5 7.23 10.26 15.74
N GLN C 6 7.62 11.02 14.73
CA GLN C 6 9.01 11.24 14.37
C GLN C 6 9.44 12.64 14.81
N SER C 7 10.59 12.74 15.46
CA SER C 7 11.09 14.00 15.98
C SER C 7 12.61 14.05 15.84
N PRO C 8 13.17 15.25 15.59
CA PRO C 8 12.42 16.49 15.38
C PRO C 8 11.89 16.57 13.96
N SER C 9 10.98 17.50 13.68
CA SER C 9 10.51 17.65 12.31
C SER C 9 11.58 18.27 11.43
N SER C 10 12.49 19.05 12.01
CA SER C 10 13.61 19.60 11.25
C SER C 10 14.76 19.89 12.20
N LEU C 11 15.96 19.98 11.62
CA LEU C 11 17.12 20.34 12.43
C LEU C 11 18.18 20.97 11.55
N SER C 12 18.94 21.88 12.14
CA SER C 12 20.08 22.54 11.50
C SER C 12 21.36 21.96 12.08
N ALA C 13 22.31 21.63 11.22
CA ALA C 13 23.54 21.00 11.68
C ALA C 13 24.64 21.30 10.67
N SER C 14 25.86 20.96 11.05
CA SER C 14 27.04 21.27 10.25
C SER C 14 27.73 19.98 9.85
N VAL C 15 28.45 20.03 8.73
CA VAL C 15 29.23 18.88 8.29
C VAL C 15 30.08 18.40 9.45
N GLY C 16 29.97 17.13 9.76
CA GLY C 16 30.82 16.51 10.76
C GLY C 16 30.17 16.23 12.09
N ASP C 17 28.98 16.75 12.39
CA ASP C 17 28.45 16.45 13.70
C ASP C 17 27.54 15.21 13.66
N ARG C 18 27.01 14.86 14.83
CA ARG C 18 26.27 13.63 15.07
C ARG C 18 24.81 14.02 15.28
N VAL C 19 23.93 13.50 14.42
CA VAL C 19 22.52 13.86 14.46
C VAL C 19 21.71 12.63 14.85
N THR C 20 20.69 12.83 15.66
CA THR C 20 19.87 11.75 16.18
C THR C 20 18.41 12.03 15.86
N ILE C 21 17.78 11.10 15.14
CA ILE C 21 16.38 11.21 14.76
C ILE C 21 15.64 10.07 15.45
N THR C 22 14.51 10.41 16.07
CA THR C 22 13.74 9.49 16.88
C THR C 22 12.39 9.21 16.23
N CYS C 23 11.92 7.98 16.39
CA CYS C 23 10.60 7.57 15.90
C CYS C 23 9.97 6.72 16.99
N LYS C 24 8.79 7.12 17.47
CA LYS C 24 8.07 6.33 18.46
C LYS C 24 6.77 5.83 17.87
N ALA C 25 6.52 4.53 18.02
CA ALA C 25 5.32 3.90 17.52
C ALA C 25 4.28 3.81 18.62
N SER C 26 3.02 3.99 18.25
CA SER C 26 1.92 3.85 19.22
C SER C 26 1.74 2.43 19.72
N ASP C 27 2.24 1.42 18.99
CA ASP C 27 2.16 0.04 19.41
C ASP C 27 3.48 -0.67 19.11
N HIS C 28 3.64 -1.85 19.70
CA HIS C 28 4.86 -2.63 19.51
C HIS C 28 4.96 -3.08 18.05
N ILE C 29 6.10 -2.84 17.42
CA ILE C 29 6.30 -3.23 16.03
C ILE C 29 7.46 -4.20 15.87
N ASN C 30 8.10 -4.62 16.96
CA ASN C 30 9.02 -5.75 17.00
C ASN C 30 10.14 -5.62 15.97
N ASN C 31 10.66 -4.40 15.80
CA ASN C 31 11.78 -4.07 14.91
C ASN C 31 11.44 -4.13 13.43
N TRP C 32 10.15 -4.20 13.06
CA TRP C 32 9.75 -4.06 11.67
C TRP C 32 9.68 -2.57 11.32
N LEU C 33 10.87 -1.97 11.26
CA LEU C 33 10.97 -0.53 11.04
C LEU C 33 12.03 -0.22 10.00
N ALA C 34 11.69 0.65 9.07
CA ALA C 34 12.59 1.05 8.01
C ALA C 34 12.88 2.54 8.14
N TRP C 35 14.05 2.94 7.64
CA TRP C 35 14.42 4.35 7.53
C TRP C 35 14.68 4.67 6.06
N TYR C 36 14.10 5.76 5.59
CA TYR C 36 14.25 6.23 4.22
C TYR C 36 14.92 7.60 4.19
N GLN C 37 15.62 7.87 3.09
CA GLN C 37 16.17 9.19 2.80
C GLN C 37 15.55 9.68 1.50
N GLN C 38 15.09 10.93 1.48
CA GLN C 38 14.47 11.50 0.30
C GLN C 38 15.02 12.89 0.03
N LYS C 39 15.45 13.12 -1.20
CA LYS C 39 15.87 14.41 -1.68
C LYS C 39 14.87 14.90 -2.72
N PRO C 40 14.77 16.22 -2.95
CA PRO C 40 13.64 16.74 -3.71
C PRO C 40 13.67 16.24 -5.15
N GLY C 41 12.49 15.92 -5.66
CA GLY C 41 12.35 15.36 -6.99
C GLY C 41 12.62 13.88 -7.11
N GLN C 42 12.86 13.17 -6.01
CA GLN C 42 13.27 11.78 -6.06
C GLN C 42 12.34 10.92 -5.22
N ALA C 43 12.27 9.64 -5.59
CA ALA C 43 11.61 8.65 -4.76
C ALA C 43 12.39 8.45 -3.46
N PRO C 44 11.71 8.06 -2.38
CA PRO C 44 12.44 7.70 -1.15
C PRO C 44 13.45 6.60 -1.41
N ARG C 45 14.58 6.69 -0.71
CA ARG C 45 15.66 5.72 -0.80
C ARG C 45 15.74 4.94 0.52
N LEU C 46 15.66 3.62 0.45
CA LEU C 46 15.75 2.80 1.65
C LEU C 46 17.19 2.73 2.13
N LEU C 47 17.40 3.03 3.41
CA LEU C 47 18.72 2.98 4.02
C LEU C 47 18.86 1.84 4.99
N ILE C 48 17.81 1.57 5.77
CA ILE C 48 17.85 0.64 6.88
C ILE C 48 16.53 -0.12 6.93
N SER C 49 16.61 -1.43 7.18
CA SER C 49 15.42 -2.25 7.37
C SER C 49 15.61 -3.11 8.62
N GLY C 50 14.49 -3.56 9.18
CA GLY C 50 14.55 -4.33 10.41
C GLY C 50 15.14 -3.58 11.58
N ALA C 51 15.01 -2.24 11.58
CA ALA C 51 15.51 -1.33 12.61
C ALA C 51 17.03 -1.14 12.57
N THR C 52 17.80 -2.18 12.24
CA THR C 52 19.26 -2.08 12.33
C THR C 52 20.04 -2.49 11.08
N SER C 53 19.43 -3.13 10.09
CA SER C 53 20.17 -3.72 8.97
C SER C 53 20.35 -2.66 7.89
N LEU C 54 21.60 -2.26 7.66
CA LEU C 54 21.92 -1.33 6.59
C LEU C 54 21.73 -1.99 5.23
N GLU C 55 21.10 -1.26 4.31
CA GLU C 55 21.03 -1.72 2.93
C GLU C 55 22.40 -1.55 2.25
N THR C 56 22.63 -2.37 1.23
CA THR C 56 23.91 -2.40 0.53
C THR C 56 24.28 -1.01 -0.02
N GLY C 57 25.51 -0.57 0.24
CA GLY C 57 25.97 0.70 -0.25
C GLY C 57 25.75 1.86 0.68
N VAL C 58 25.03 1.65 1.78
CA VAL C 58 24.78 2.70 2.76
C VAL C 58 26.01 2.77 3.65
N PRO C 59 26.67 3.92 3.73
CA PRO C 59 27.88 4.01 4.54
C PRO C 59 27.59 3.76 6.01
N SER C 60 28.59 3.21 6.70
CA SER C 60 28.46 2.79 8.09
C SER C 60 28.29 3.95 9.06
N ARG C 61 28.38 5.21 8.60
CA ARG C 61 28.03 6.30 9.49
C ARG C 61 26.53 6.33 9.81
N PHE C 62 25.69 5.66 9.01
CA PHE C 62 24.29 5.48 9.36
C PHE C 62 24.13 4.24 10.23
N SER C 63 23.35 4.36 11.30
CA SER C 63 23.12 3.25 12.20
C SER C 63 21.73 3.43 12.80
N GLY C 64 21.06 2.31 13.04
CA GLY C 64 19.73 2.31 13.61
C GLY C 64 19.69 1.49 14.89
N SER C 65 18.79 1.87 15.80
CA SER C 65 18.74 1.23 17.10
C SER C 65 17.31 1.30 17.63
N GLY C 66 17.10 0.68 18.78
CA GLY C 66 15.84 0.70 19.48
C GLY C 66 15.15 -0.64 19.46
N THR C 67 14.22 -0.82 20.39
CA THR C 67 13.35 -1.99 20.42
C THR C 67 11.95 -1.57 20.85
N GLY C 68 11.00 -2.49 20.72
CA GLY C 68 9.65 -2.25 21.17
C GLY C 68 8.95 -1.14 20.41
N LYS C 69 8.89 0.05 21.02
CA LYS C 69 8.18 1.19 20.45
C LYS C 69 9.07 2.37 20.12
N ASP C 70 10.37 2.34 20.44
CA ASP C 70 11.23 3.51 20.31
C ASP C 70 12.43 3.20 19.44
N TYR C 71 12.63 3.98 18.39
CA TYR C 71 13.64 3.70 17.39
C TYR C 71 14.40 4.97 17.05
N THR C 72 15.67 4.80 16.68
CA THR C 72 16.57 5.91 16.47
C THR C 72 17.40 5.67 15.23
N LEU C 73 17.50 6.69 14.39
CA LEU C 73 18.48 6.74 13.32
C LEU C 73 19.58 7.71 13.74
N THR C 74 20.83 7.25 13.70
CA THR C 74 21.98 8.07 14.07
C THR C 74 22.91 8.22 12.88
N ILE C 75 23.24 9.45 12.52
CA ILE C 75 24.28 9.74 11.53
C ILE C 75 25.50 10.22 12.30
N SER C 76 26.55 9.38 12.34
CA SER C 76 27.64 9.61 13.29
C SER C 76 28.52 10.81 12.89
N SER C 77 28.68 11.08 11.59
CA SER C 77 29.50 12.22 11.15
C SER C 77 28.87 12.78 9.87
N LEU C 78 28.03 13.81 10.04
CA LEU C 78 27.20 14.31 8.95
C LEU C 78 28.03 14.75 7.74
N GLN C 79 27.68 14.24 6.58
CA GLN C 79 28.39 14.52 5.35
C GLN C 79 27.55 15.41 4.44
N PRO C 80 28.16 16.10 3.46
CA PRO C 80 27.38 17.01 2.63
C PRO C 80 26.24 16.33 1.88
N GLU C 81 26.37 15.04 1.55
CA GLU C 81 25.29 14.40 0.79
C GLU C 81 24.17 13.88 1.68
N ASP C 82 24.27 14.05 2.99
CA ASP C 82 23.25 13.55 3.92
C ASP C 82 22.17 14.59 4.22
N PHE C 83 22.31 15.82 3.75
CA PHE C 83 21.29 16.82 4.00
C PHE C 83 20.09 16.49 3.12
N ALA C 84 18.98 16.16 3.76
CA ALA C 84 17.81 15.60 3.08
C ALA C 84 16.69 15.47 4.12
N THR C 85 15.58 14.86 3.71
CA THR C 85 14.49 14.53 4.62
C THR C 85 14.53 13.03 4.89
N TYR C 86 14.35 12.67 6.17
CA TYR C 86 14.40 11.27 6.58
C TYR C 86 13.03 10.85 7.10
N TYR C 87 12.62 9.62 6.76
CA TYR C 87 11.32 9.08 7.14
C TYR C 87 11.51 7.71 7.77
N CYS C 88 10.79 7.44 8.87
CA CYS C 88 10.67 6.08 9.37
C CYS C 88 9.37 5.50 8.87
N GLN C 89 9.28 4.17 8.90
CA GLN C 89 8.08 3.48 8.43
C GLN C 89 7.99 2.14 9.14
N GLN C 90 6.87 1.89 9.80
CA GLN C 90 6.62 0.56 10.33
C GLN C 90 5.91 -0.26 9.25
N TYR C 91 6.35 -1.51 9.09
CA TYR C 91 5.66 -2.43 8.19
C TYR C 91 5.26 -3.69 8.94
N TRP C 92 5.01 -3.52 10.23
CA TRP C 92 4.60 -4.62 11.09
C TRP C 92 3.14 -5.00 10.82
N SER C 93 2.26 -4.02 10.76
CA SER C 93 0.85 -4.30 10.57
C SER C 93 0.28 -3.30 9.57
N THR C 94 -0.73 -3.74 8.84
CA THR C 94 -1.43 -2.90 7.88
C THR C 94 -2.46 -2.03 8.61
N PRO C 95 -2.68 -0.80 8.15
CA PRO C 95 -1.92 -0.14 7.08
C PRO C 95 -0.50 0.24 7.51
N TYR C 96 0.47 0.06 6.60
CA TYR C 96 1.81 0.57 6.84
C TYR C 96 1.77 2.08 6.98
N THR C 97 2.55 2.62 7.92
CA THR C 97 2.46 4.03 8.21
C THR C 97 3.86 4.63 8.34
N PHE C 98 4.01 5.86 7.86
CA PHE C 98 5.28 6.58 7.89
C PHE C 98 5.27 7.66 8.97
N GLY C 99 6.45 7.92 9.53
CA GLY C 99 6.64 9.13 10.30
C GLY C 99 6.48 10.38 9.46
N GLY C 100 6.31 11.50 10.15
CA GLY C 100 6.10 12.79 9.50
C GLY C 100 7.33 13.36 8.82
N GLY C 101 8.50 12.79 9.05
CA GLY C 101 9.70 13.24 8.37
C GLY C 101 10.55 14.14 9.25
N THR C 102 11.86 14.14 8.96
CA THR C 102 12.82 15.04 9.61
C THR C 102 13.69 15.66 8.52
N LYS C 103 13.54 16.97 8.30
CA LYS C 103 14.37 17.68 7.33
C LYS C 103 15.65 18.13 8.01
N VAL C 104 16.76 17.57 7.56
CA VAL C 104 18.08 17.91 8.08
C VAL C 104 18.65 19.02 7.22
N GLU C 105 18.87 20.19 7.82
CA GLU C 105 19.28 21.36 7.07
C GLU C 105 20.69 21.81 7.48
N ILE C 106 21.31 22.61 6.61
CA ILE C 106 22.68 23.07 6.82
C ILE C 106 22.66 24.32 7.69
N LYS C 107 23.37 24.29 8.81
CA LYS C 107 23.52 25.46 9.67
C LYS C 107 24.64 26.35 9.15
N ARG C 108 24.42 27.67 9.20
CA ARG C 108 25.45 28.63 8.78
C ARG C 108 25.28 29.93 9.57
N THR C 109 26.05 30.95 9.20
CA THR C 109 25.96 32.25 9.85
C THR C 109 24.75 33.02 9.33
N VAL C 110 24.15 33.81 10.22
CA VAL C 110 23.13 34.75 9.81
C VAL C 110 23.66 35.64 8.70
N ALA C 111 22.82 35.89 7.69
CA ALA C 111 23.19 36.76 6.58
C ALA C 111 21.95 37.51 6.14
N ALA C 112 22.04 38.83 6.12
CA ALA C 112 20.92 39.68 5.76
C ALA C 112 20.65 39.58 4.25
N PRO C 113 19.43 39.86 3.83
CA PRO C 113 19.07 39.75 2.40
C PRO C 113 19.45 40.98 1.60
N SER C 114 19.72 40.74 0.32
CA SER C 114 19.80 41.83 -0.67
C SER C 114 18.43 41.97 -1.31
N VAL C 115 17.85 43.16 -1.21
CA VAL C 115 16.47 43.38 -1.64
C VAL C 115 16.45 44.10 -2.98
N PHE C 116 15.52 43.68 -3.85
CA PHE C 116 15.31 44.26 -5.17
C PHE C 116 13.81 44.37 -5.42
N ILE C 117 13.39 45.43 -6.08
CA ILE C 117 12.00 45.61 -6.46
C ILE C 117 11.93 45.71 -7.98
N PHE C 118 10.85 45.15 -8.53
CA PHE C 118 10.64 45.10 -9.98
C PHE C 118 9.25 45.67 -10.26
N PRO C 119 9.13 46.73 -11.06
CA PRO C 119 7.80 47.24 -11.42
C PRO C 119 7.13 46.33 -12.44
N PRO C 120 5.81 46.39 -12.59
CA PRO C 120 5.16 45.55 -13.59
C PRO C 120 5.63 45.91 -14.99
N SER C 121 5.63 44.90 -15.86
CA SER C 121 6.00 45.10 -17.25
C SER C 121 4.91 45.86 -17.99
N ASP C 122 5.34 46.75 -18.89
CA ASP C 122 4.40 47.40 -19.79
C ASP C 122 3.61 46.38 -20.57
N GLU C 123 4.28 45.31 -21.03
CA GLU C 123 3.59 44.21 -21.67
C GLU C 123 2.48 43.65 -20.78
N GLN C 124 2.74 43.53 -19.48
CA GLN C 124 1.71 42.99 -18.59
C GLN C 124 0.59 43.99 -18.34
N LEU C 125 0.90 45.29 -18.32
CA LEU C 125 -0.13 46.28 -18.00
C LEU C 125 -1.27 46.24 -19.00
N LYS C 126 -1.00 45.84 -20.23
CA LYS C 126 -2.07 45.60 -21.19
C LYS C 126 -2.89 44.36 -20.86
N SER C 127 -2.53 43.57 -19.85
CA SER C 127 -3.35 42.42 -19.50
C SER C 127 -4.59 42.80 -18.72
N GLY C 128 -4.60 43.98 -18.11
CA GLY C 128 -5.57 44.31 -17.09
C GLY C 128 -5.10 44.05 -15.68
N THR C 129 -3.91 43.50 -15.50
CA THR C 129 -3.37 43.21 -14.18
C THR C 129 -1.91 43.65 -14.13
N ALA C 130 -1.44 43.90 -12.91
CA ALA C 130 -0.07 44.33 -12.66
C ALA C 130 0.50 43.51 -11.51
N SER C 131 1.69 42.94 -11.71
CA SER C 131 2.39 42.21 -10.67
C SER C 131 3.62 43.01 -10.24
N VAL C 132 3.70 43.31 -8.95
CA VAL C 132 4.87 43.99 -8.38
C VAL C 132 5.66 42.97 -7.56
N VAL C 133 6.94 42.85 -7.86
CA VAL C 133 7.76 41.75 -7.38
C VAL C 133 8.89 42.31 -6.55
N CYS C 134 9.02 41.81 -5.32
CA CYS C 134 10.11 42.11 -4.39
C CYS C 134 10.93 40.84 -4.21
N LEU C 135 12.23 40.92 -4.49
CA LEU C 135 13.13 39.78 -4.35
C LEU C 135 14.01 39.95 -3.12
N LEU C 136 14.14 38.89 -2.33
CA LEU C 136 15.07 38.86 -1.19
C LEU C 136 16.10 37.78 -1.51
N ASN C 137 17.36 38.19 -1.67
CA ASN C 137 18.38 37.31 -2.21
C ASN C 137 19.37 36.87 -1.14
N ASN C 138 19.62 35.57 -1.07
CA ASN C 138 20.76 35.01 -0.36
C ASN C 138 20.81 35.43 1.12
N PHE C 139 19.74 35.11 1.85
CA PHE C 139 19.71 35.37 3.27
C PHE C 139 19.66 34.07 4.07
N TYR C 140 19.82 34.20 5.40
CA TYR C 140 19.81 33.09 6.34
C TYR C 140 19.64 33.64 7.75
N PRO C 141 18.78 33.04 8.60
CA PRO C 141 17.90 31.89 8.35
C PRO C 141 16.67 32.27 7.52
N ARG C 142 15.75 31.31 7.36
CA ARG C 142 14.66 31.43 6.38
C ARG C 142 13.60 32.44 6.81
N GLU C 143 13.43 32.66 8.12
CA GLU C 143 12.36 33.52 8.61
C GLU C 143 12.60 34.97 8.19
N ALA C 144 11.58 35.58 7.60
CA ALA C 144 11.67 36.94 7.08
C ALA C 144 10.26 37.48 6.86
N LYS C 145 10.09 38.78 7.04
CA LYS C 145 8.80 39.44 6.87
C LYS C 145 8.90 40.46 5.74
N VAL C 146 7.93 40.42 4.83
CA VAL C 146 7.87 41.34 3.70
C VAL C 146 6.53 42.08 3.76
N GLN C 147 6.59 43.40 3.86
CA GLN C 147 5.40 44.24 3.90
C GLN C 147 5.39 45.17 2.69
N TRP C 148 4.26 45.19 1.97
CA TRP C 148 4.04 45.98 0.78
C TRP C 148 3.32 47.28 1.12
N LYS C 149 3.86 48.40 0.66
CA LYS C 149 3.24 49.72 0.80
C LYS C 149 2.94 50.31 -0.57
N VAL C 150 1.69 50.70 -0.79
CA VAL C 150 1.24 51.33 -2.04
C VAL C 150 0.98 52.80 -1.75
N ASP C 151 1.61 53.68 -2.54
CA ASP C 151 1.81 55.05 -2.09
C ASP C 151 2.42 54.93 -0.70
N ASN C 152 1.58 54.87 0.33
CA ASN C 152 2.01 54.34 1.62
C ASN C 152 1.16 53.18 2.10
N ALA C 153 -0.04 53.02 1.55
CA ALA C 153 -1.01 52.00 1.92
C ALA C 153 -0.42 50.61 2.15
N LEU C 154 -0.46 50.13 3.40
CA LEU C 154 0.05 48.80 3.74
C LEU C 154 -0.89 47.72 3.21
N GLN C 155 -0.39 46.83 2.36
CA GLN C 155 -1.23 45.81 1.75
C GLN C 155 -1.22 44.52 2.58
N SER C 156 -2.33 43.80 2.53
CA SER C 156 -2.45 42.55 3.26
C SER C 156 -3.52 41.71 2.58
N GLY C 157 -3.14 40.53 2.11
CA GLY C 157 -4.08 39.63 1.47
C GLY C 157 -4.05 39.63 -0.04
N ASN C 158 -3.18 40.44 -0.65
CA ASN C 158 -3.06 40.47 -2.11
C ASN C 158 -1.63 40.18 -2.56
N SER C 159 -0.84 39.53 -1.71
CA SER C 159 0.50 39.11 -2.10
C SER C 159 0.65 37.62 -1.82
N GLN C 160 1.65 37.03 -2.47
CA GLN C 160 2.00 35.62 -2.31
C GLN C 160 3.52 35.48 -2.30
N GLU C 161 4.03 34.59 -1.45
CA GLU C 161 5.46 34.38 -1.28
C GLU C 161 5.87 32.99 -1.74
N SER C 162 7.15 32.86 -2.08
CA SER C 162 7.72 31.57 -2.46
C SER C 162 9.21 31.60 -2.12
N VAL C 163 9.71 30.51 -1.54
CA VAL C 163 11.07 30.41 -1.02
C VAL C 163 11.81 29.27 -1.71
N THR C 164 13.06 29.52 -2.10
CA THR C 164 13.89 28.46 -2.64
C THR C 164 14.27 27.48 -1.53
N GLU C 165 15.02 26.44 -1.92
CA GLU C 165 15.72 25.59 -0.98
C GLU C 165 17.13 26.15 -0.74
N GLN C 166 17.78 25.63 0.29
CA GLN C 166 19.13 26.09 0.62
C GLN C 166 20.02 25.97 -0.60
N ASP C 167 20.80 27.02 -0.85
CA ASP C 167 21.61 27.10 -2.06
C ASP C 167 22.75 26.08 -2.02
N SER C 168 23.23 25.72 -3.23
CA SER C 168 24.22 24.67 -3.38
C SER C 168 25.52 25.02 -2.66
N LYS C 169 26.02 26.24 -2.86
CA LYS C 169 27.29 26.66 -2.25
C LYS C 169 27.14 27.61 -1.09
N ASP C 170 26.01 28.35 -1.00
CA ASP C 170 25.75 29.39 -0.01
C ASP C 170 25.18 28.84 1.29
N SER C 171 24.36 27.79 1.20
CA SER C 171 23.42 27.39 2.25
C SER C 171 22.43 28.49 2.60
N THR C 172 22.26 29.48 1.73
CA THR C 172 21.33 30.57 1.96
C THR C 172 20.01 30.31 1.24
N TYR C 173 19.01 31.11 1.60
CA TYR C 173 17.71 31.09 0.97
C TYR C 173 17.52 32.35 0.13
N SER C 174 16.58 32.27 -0.81
CA SER C 174 16.05 33.45 -1.47
C SER C 174 14.53 33.36 -1.42
N LEU C 175 13.87 34.50 -1.62
CA LEU C 175 12.43 34.59 -1.48
C LEU C 175 11.89 35.63 -2.46
N SER C 176 10.74 35.32 -3.05
CA SER C 176 10.02 36.27 -3.91
C SER C 176 8.64 36.53 -3.33
N SER C 177 8.27 37.80 -3.27
CA SER C 177 6.92 38.23 -2.92
C SER C 177 6.32 38.96 -4.10
N THR C 178 5.14 38.53 -4.52
CA THR C 178 4.46 39.08 -5.70
C THR C 178 3.19 39.77 -5.23
N LEU C 179 3.09 41.08 -5.49
CA LEU C 179 1.89 41.86 -5.21
C LEU C 179 1.05 41.92 -6.49
N THR C 180 -0.21 41.50 -6.40
CA THR C 180 -1.08 41.43 -7.56
C THR C 180 -2.18 42.47 -7.44
N LEU C 181 -2.23 43.39 -8.39
CA LEU C 181 -3.24 44.44 -8.45
C LEU C 181 -3.85 44.48 -9.85
N SER C 182 -5.02 45.12 -9.94
CA SER C 182 -5.58 45.43 -11.24
C SER C 182 -4.81 46.57 -11.89
N LYS C 183 -4.93 46.66 -13.22
CA LYS C 183 -4.33 47.79 -13.93
C LYS C 183 -4.88 49.11 -13.40
N ALA C 184 -6.20 49.19 -13.23
CA ALA C 184 -6.83 50.42 -12.76
C ALA C 184 -6.30 50.83 -11.39
N ASP C 185 -6.22 49.87 -10.46
CA ASP C 185 -5.67 50.17 -9.14
C ASP C 185 -4.21 50.56 -9.22
N TYR C 186 -3.44 49.86 -10.08
CA TYR C 186 -2.02 50.18 -10.18
C TYR C 186 -1.79 51.58 -10.73
N GLU C 187 -2.56 51.99 -11.74
CA GLU C 187 -2.32 53.28 -12.37
C GLU C 187 -2.92 54.45 -11.60
N LYS C 188 -3.56 54.20 -10.46
CA LYS C 188 -4.12 55.26 -9.64
C LYS C 188 -3.24 55.61 -8.43
N HIS C 189 -2.06 55.00 -8.31
CA HIS C 189 -1.20 55.26 -7.18
C HIS C 189 0.22 55.44 -7.68
N LYS C 190 1.06 56.01 -6.83
CA LYS C 190 2.39 56.49 -7.22
C LYS C 190 3.51 55.59 -6.74
N VAL C 191 3.68 55.43 -5.42
CA VAL C 191 4.91 54.92 -4.83
C VAL C 191 4.68 53.51 -4.32
N TYR C 192 5.38 52.54 -4.89
CA TYR C 192 5.25 51.15 -4.48
C TYR C 192 6.52 50.75 -3.74
N ALA C 193 6.37 50.24 -2.51
CA ALA C 193 7.50 49.87 -1.68
C ALA C 193 7.28 48.49 -1.09
N CYS C 194 8.38 47.80 -0.82
CA CYS C 194 8.38 46.61 0.02
C CYS C 194 9.39 46.81 1.13
N GLU C 195 8.95 46.54 2.37
CA GLU C 195 9.76 46.75 3.56
C GLU C 195 10.12 45.38 4.13
N VAL C 196 11.41 45.12 4.28
CA VAL C 196 11.93 43.79 4.57
C VAL C 196 12.48 43.78 5.99
N THR C 197 12.00 42.85 6.81
CA THR C 197 12.46 42.67 8.18
C THR C 197 13.11 41.30 8.32
N HIS C 198 14.33 41.27 8.84
CA HIS C 198 15.06 40.03 8.95
C HIS C 198 16.02 40.15 10.12
N GLN C 199 16.27 39.02 10.79
CA GLN C 199 17.07 39.07 12.01
C GLN C 199 18.53 39.41 11.73
N GLY C 200 18.93 39.45 10.46
CA GLY C 200 20.25 39.94 10.11
C GLY C 200 20.36 41.43 9.99
N LEU C 201 19.27 42.17 10.20
CA LEU C 201 19.22 43.61 10.00
C LEU C 201 18.96 44.34 11.31
N SER C 202 19.57 45.53 11.43
CA SER C 202 19.32 46.39 12.59
C SER C 202 18.02 47.17 12.43
N SER C 203 17.61 47.45 11.19
CA SER C 203 16.41 48.21 10.88
C SER C 203 15.94 47.81 9.48
N PRO C 204 14.64 47.85 9.20
CA PRO C 204 14.12 47.28 7.96
C PRO C 204 14.63 48.01 6.72
N VAL C 205 15.00 47.23 5.73
CA VAL C 205 15.33 47.74 4.40
C VAL C 205 14.05 47.97 3.63
N THR C 206 13.97 49.11 2.94
CA THR C 206 12.86 49.40 2.04
C THR C 206 13.37 49.70 0.64
N LYS C 207 12.70 49.14 -0.37
CA LYS C 207 12.98 49.41 -1.77
C LYS C 207 11.68 49.87 -2.40
N SER C 208 11.74 50.97 -3.14
CA SER C 208 10.54 51.56 -3.68
C SER C 208 10.81 52.12 -5.06
N PHE C 209 9.72 52.47 -5.74
CA PHE C 209 9.78 53.14 -7.03
C PHE C 209 8.49 53.93 -7.18
N ASN C 210 8.56 55.02 -7.95
CA ASN C 210 7.39 55.82 -8.27
C ASN C 210 7.01 55.56 -9.73
N ARG C 211 5.74 55.19 -9.94
CA ARG C 211 5.23 55.00 -11.29
C ARG C 211 5.54 56.22 -12.15
N GLY C 212 6.26 55.99 -13.25
CA GLY C 212 6.79 57.09 -14.05
C GLY C 212 8.30 57.01 -14.23
N GLN D 1 19.75 -2.51 -13.37
CA GLN D 1 18.69 -2.31 -14.34
C GLN D 1 17.33 -2.77 -13.80
N VAL D 2 17.33 -3.28 -12.57
CA VAL D 2 16.08 -3.51 -11.86
C VAL D 2 15.41 -2.16 -11.66
N GLN D 3 14.21 -2.00 -12.24
CA GLN D 3 13.54 -0.71 -12.11
C GLN D 3 12.05 -0.88 -12.32
N LEU D 4 11.32 0.17 -11.95
CA LEU D 4 9.91 0.32 -12.20
C LEU D 4 9.71 1.59 -13.01
N VAL D 5 8.97 1.49 -14.11
CA VAL D 5 8.71 2.60 -15.01
C VAL D 5 7.25 2.98 -14.86
N GLN D 6 6.98 4.22 -14.46
CA GLN D 6 5.62 4.67 -14.23
C GLN D 6 5.11 5.51 -15.40
N SER D 7 3.79 5.52 -15.57
CA SER D 7 3.16 6.24 -16.67
C SER D 7 3.22 7.75 -16.42
N GLY D 8 2.76 8.52 -17.43
CA GLY D 8 2.99 9.95 -17.45
C GLY D 8 2.03 10.73 -16.58
N ALA D 9 2.37 12.01 -16.37
CA ALA D 9 1.54 12.88 -15.55
C ALA D 9 0.11 12.92 -16.08
N GLU D 10 -0.83 13.14 -15.17
CA GLU D 10 -2.25 13.10 -15.50
C GLU D 10 -2.95 14.33 -14.94
N LEU D 11 -3.94 14.81 -15.70
CA LEU D 11 -4.78 15.92 -15.31
C LEU D 11 -6.22 15.45 -15.45
N LYS D 12 -6.96 15.48 -14.35
CA LYS D 12 -8.31 14.94 -14.30
C LYS D 12 -9.22 15.93 -13.61
N LYS D 13 -10.51 15.94 -14.04
CA LYS D 13 -11.45 16.85 -13.41
C LYS D 13 -12.13 16.17 -12.23
N PRO D 14 -12.60 16.94 -11.25
CA PRO D 14 -13.23 16.35 -10.07
C PRO D 14 -14.37 15.40 -10.45
N GLY D 15 -14.38 14.23 -9.81
CA GLY D 15 -15.36 13.21 -10.08
C GLY D 15 -14.92 12.16 -11.08
N ALA D 16 -13.89 12.46 -11.90
CA ALA D 16 -13.40 11.53 -12.91
C ALA D 16 -12.59 10.40 -12.28
N SER D 17 -11.97 9.56 -13.14
CA SER D 17 -11.18 8.41 -12.74
C SER D 17 -9.84 8.43 -13.46
N VAL D 18 -8.83 7.82 -12.85
CA VAL D 18 -7.52 7.70 -13.47
C VAL D 18 -6.94 6.32 -13.17
N LYS D 19 -6.16 5.81 -14.12
CA LYS D 19 -5.49 4.52 -14.00
C LYS D 19 -4.00 4.73 -14.23
N LEU D 20 -3.23 4.67 -13.15
CA LEU D 20 -1.77 4.71 -13.23
C LEU D 20 -1.22 3.33 -13.53
N SER D 21 -0.14 3.29 -14.29
CA SER D 21 0.52 2.04 -14.60
C SER D 21 1.95 2.07 -14.07
N CYS D 22 2.52 0.89 -13.91
CA CYS D 22 3.84 0.70 -13.32
C CYS D 22 4.39 -0.57 -13.94
N LYS D 23 5.38 -0.44 -14.84
CA LYS D 23 5.91 -1.59 -15.57
C LYS D 23 7.24 -2.04 -14.97
N ALA D 24 7.32 -3.32 -14.61
CA ALA D 24 8.55 -3.88 -14.08
C ALA D 24 9.51 -4.21 -15.21
N SER D 25 10.81 -4.07 -14.93
CA SER D 25 11.83 -4.52 -15.87
C SER D 25 13.11 -4.89 -15.10
N GLY D 26 13.82 -5.89 -15.61
CA GLY D 26 15.06 -6.33 -14.98
C GLY D 26 14.89 -7.31 -13.84
N TYR D 27 13.67 -7.76 -13.58
CA TYR D 27 13.39 -8.78 -12.57
C TYR D 27 12.05 -9.42 -12.91
N THR D 28 11.79 -10.57 -12.28
CA THR D 28 10.58 -11.34 -12.54
C THR D 28 9.38 -10.72 -11.82
N PHE D 29 8.55 -10.01 -12.59
CA PHE D 29 7.39 -9.29 -12.06
C PHE D 29 6.55 -10.13 -11.09
N THR D 30 6.24 -11.37 -11.47
CA THR D 30 5.35 -12.21 -10.66
C THR D 30 5.96 -12.62 -9.33
N SER D 31 7.26 -12.42 -9.13
CA SER D 31 7.90 -12.84 -7.89
C SER D 31 7.70 -11.88 -6.71
N TYR D 32 7.22 -10.66 -6.96
CA TYR D 32 7.18 -9.65 -5.91
C TYR D 32 5.83 -8.96 -5.91
N GLY D 33 5.49 -8.39 -4.76
CA GLY D 33 4.36 -7.50 -4.71
C GLY D 33 4.67 -6.15 -5.33
N ILE D 34 3.63 -5.38 -5.62
CA ILE D 34 3.76 -3.97 -5.95
C ILE D 34 2.92 -3.17 -4.98
N SER D 35 3.55 -2.25 -4.26
CA SER D 35 2.85 -1.32 -3.40
C SER D 35 2.80 0.06 -4.03
N TRP D 36 1.88 0.88 -3.52
CA TRP D 36 1.64 2.23 -4.03
C TRP D 36 1.65 3.20 -2.86
N VAL D 37 2.33 4.32 -3.02
CA VAL D 37 2.55 5.28 -1.94
C VAL D 37 2.22 6.67 -2.46
N LYS D 38 1.45 7.43 -1.69
CA LYS D 38 1.01 8.77 -2.06
C LYS D 38 1.86 9.84 -1.36
N GLN D 39 2.17 10.93 -2.08
CA GLN D 39 2.88 12.06 -1.49
C GLN D 39 2.36 13.37 -2.11
N ALA D 40 1.48 14.06 -1.37
CA ALA D 40 1.00 15.36 -1.81
C ALA D 40 2.06 16.42 -1.55
N THR D 41 2.00 17.50 -2.32
CA THR D 41 3.07 18.51 -2.32
C THR D 41 3.35 19.06 -0.93
N GLY D 42 4.60 18.94 -0.49
CA GLY D 42 5.02 19.39 0.82
C GLY D 42 4.74 18.44 1.96
N GLN D 43 3.95 17.40 1.74
CA GLN D 43 3.50 16.52 2.80
C GLN D 43 4.37 15.27 2.89
N GLY D 44 3.96 14.34 3.74
CA GLY D 44 4.69 13.11 3.95
C GLY D 44 4.21 11.99 3.07
N LEU D 45 4.39 10.75 3.54
CA LEU D 45 4.16 9.55 2.76
C LEU D 45 2.96 8.78 3.29
N GLU D 46 2.20 8.19 2.37
CA GLU D 46 1.00 7.45 2.73
C GLU D 46 0.96 6.14 1.94
N TRP D 47 0.85 5.02 2.65
CA TRP D 47 0.74 3.72 2.02
C TRP D 47 -0.70 3.52 1.55
N ILE D 48 -0.87 3.21 0.27
CA ILE D 48 -2.20 2.99 -0.31
C ILE D 48 -2.59 1.52 -0.28
N GLY D 49 -1.73 0.66 -0.81
CA GLY D 49 -1.93 -0.77 -0.73
C GLY D 49 -0.84 -1.52 -1.49
N GLU D 50 -0.94 -2.84 -1.48
CA GLU D 50 -0.10 -3.61 -2.39
C GLU D 50 -0.83 -4.86 -2.85
N ILE D 51 -0.28 -5.45 -3.91
CA ILE D 51 -0.86 -6.58 -4.61
C ILE D 51 0.25 -7.56 -4.94
N TYR D 52 -0.02 -8.85 -4.74
CA TYR D 52 0.93 -9.88 -5.10
C TYR D 52 0.39 -10.61 -6.32
N PRO D 53 1.06 -10.51 -7.47
CA PRO D 53 0.50 -11.08 -8.69
C PRO D 53 0.30 -12.58 -8.64
N ARG D 54 1.17 -13.31 -7.94
CA ARG D 54 1.07 -14.76 -7.93
C ARG D 54 -0.22 -15.22 -7.25
N SER D 55 -0.61 -14.57 -6.15
CA SER D 55 -1.83 -14.96 -5.46
C SER D 55 -3.03 -14.09 -5.84
N GLY D 56 -2.81 -12.92 -6.43
CA GLY D 56 -3.86 -11.94 -6.56
C GLY D 56 -4.27 -11.25 -5.28
N ASN D 57 -3.64 -11.55 -4.14
CA ASN D 57 -4.02 -10.91 -2.90
C ASN D 57 -3.72 -9.43 -2.95
N THR D 58 -4.68 -8.64 -2.47
CA THR D 58 -4.58 -7.19 -2.48
C THR D 58 -4.82 -6.70 -1.06
N TYR D 59 -3.91 -5.86 -0.58
CA TYR D 59 -3.98 -5.27 0.75
C TYR D 59 -4.21 -3.78 0.59
N TYR D 60 -5.21 -3.25 1.28
CA TYR D 60 -5.65 -1.88 1.08
C TYR D 60 -5.59 -1.11 2.39
N ASN D 61 -5.37 0.19 2.27
CA ASN D 61 -5.52 1.15 3.35
C ASN D 61 -6.97 1.63 3.35
N GLU D 62 -7.69 1.43 4.46
CA GLU D 62 -9.10 1.78 4.53
C GLU D 62 -9.37 3.27 4.25
N LYS D 63 -8.37 4.14 4.42
CA LYS D 63 -8.56 5.56 4.11
C LYS D 63 -8.88 5.76 2.64
N PHE D 64 -8.42 4.86 1.77
CA PHE D 64 -8.74 4.91 0.35
C PHE D 64 -9.83 3.89 0.08
N LYS D 65 -9.40 2.65 -0.15
CA LYS D 65 -10.25 1.45 -0.16
C LYS D 65 -11.47 1.60 -1.06
N GLY D 66 -12.43 2.43 -0.64
CA GLY D 66 -13.65 2.60 -1.43
C GLY D 66 -13.41 3.08 -2.84
N ARG D 67 -12.21 3.60 -3.14
CA ARG D 67 -11.97 4.26 -4.42
C ARG D 67 -10.72 3.81 -5.16
N ALA D 68 -9.83 3.06 -4.53
CA ALA D 68 -8.61 2.58 -5.17
C ALA D 68 -8.71 1.09 -5.46
N THR D 69 -8.34 0.69 -6.68
CA THR D 69 -8.31 -0.70 -7.08
C THR D 69 -6.93 -1.02 -7.63
N LEU D 70 -6.29 -2.03 -7.06
CA LEU D 70 -5.01 -2.51 -7.55
C LEU D 70 -5.23 -3.77 -8.37
N THR D 71 -4.65 -3.82 -9.57
CA THR D 71 -4.64 -5.01 -10.40
C THR D 71 -3.23 -5.20 -10.96
N ALA D 72 -3.01 -6.37 -11.57
CA ALA D 72 -1.70 -6.72 -12.11
C ALA D 72 -1.89 -7.58 -13.35
N ASP D 73 -1.14 -7.28 -14.41
CA ASP D 73 -1.22 -7.99 -15.68
C ASP D 73 0.09 -8.75 -15.87
N LYS D 74 0.05 -10.05 -15.59
CA LYS D 74 1.24 -10.88 -15.66
C LYS D 74 1.81 -10.94 -17.08
N SER D 75 0.98 -10.68 -18.10
CA SER D 75 1.46 -10.79 -19.47
C SER D 75 2.29 -9.58 -19.89
N THR D 76 1.88 -8.38 -19.50
CA THR D 76 2.64 -7.17 -19.79
C THR D 76 3.60 -6.80 -18.67
N SER D 77 3.64 -7.58 -17.59
CA SER D 77 4.53 -7.33 -16.45
C SER D 77 4.29 -5.92 -15.89
N THR D 78 3.01 -5.62 -15.65
CA THR D 78 2.59 -4.26 -15.40
C THR D 78 1.54 -4.25 -14.30
N ALA D 79 1.76 -3.41 -13.29
CA ALA D 79 0.79 -3.20 -12.23
C ALA D 79 0.05 -1.88 -12.49
N TYR D 80 -1.17 -1.80 -12.00
CA TYR D 80 -2.02 -0.66 -12.25
C TYR D 80 -2.69 -0.23 -10.97
N MET D 81 -2.88 1.08 -10.82
CA MET D 81 -3.72 1.61 -9.77
C MET D 81 -4.82 2.49 -10.37
N GLU D 82 -6.06 2.19 -10.03
CA GLU D 82 -7.20 2.96 -10.46
C GLU D 82 -7.78 3.67 -9.26
N LEU D 83 -7.92 4.98 -9.36
CA LEU D 83 -8.53 5.80 -8.33
C LEU D 83 -9.79 6.43 -8.89
N ARG D 84 -10.91 6.25 -8.19
CA ARG D 84 -12.23 6.67 -8.66
C ARG D 84 -12.72 7.88 -7.89
N SER D 85 -13.61 8.63 -8.54
CA SER D 85 -14.29 9.78 -7.94
C SER D 85 -13.27 10.78 -7.40
N LEU D 86 -12.38 11.21 -8.29
CA LEU D 86 -11.26 12.04 -7.89
C LEU D 86 -11.73 13.35 -7.27
N ARG D 87 -11.17 13.69 -6.12
CA ARG D 87 -11.32 14.99 -5.51
C ARG D 87 -10.00 15.74 -5.62
N SER D 88 -10.03 17.01 -5.19
CA SER D 88 -8.84 17.86 -5.28
C SER D 88 -7.73 17.39 -4.34
N GLU D 89 -8.12 16.86 -3.16
CA GLU D 89 -7.18 16.28 -2.22
C GLU D 89 -6.42 15.08 -2.78
N ASP D 90 -6.82 14.51 -3.92
CA ASP D 90 -6.09 13.38 -4.50
C ASP D 90 -4.90 13.83 -5.32
N SER D 91 -4.76 15.12 -5.60
CA SER D 91 -3.59 15.62 -6.31
C SER D 91 -2.34 15.32 -5.50
N ALA D 92 -1.36 14.67 -6.14
CA ALA D 92 -0.15 14.25 -5.44
C ALA D 92 0.77 13.51 -6.42
N VAL D 93 1.94 13.14 -5.90
CA VAL D 93 2.84 12.18 -6.55
C VAL D 93 2.48 10.79 -6.05
N TYR D 94 2.33 9.83 -6.98
CA TYR D 94 2.03 8.45 -6.63
C TYR D 94 3.20 7.59 -7.06
N PHE D 95 3.81 6.90 -6.09
CA PHE D 95 4.95 6.01 -6.32
C PHE D 95 4.47 4.58 -6.36
N CYS D 96 5.12 3.76 -7.18
CA CYS D 96 5.02 2.32 -7.05
C CYS D 96 6.34 1.79 -6.55
N ALA D 97 6.30 0.61 -5.91
CA ALA D 97 7.51 0.09 -5.28
C ALA D 97 7.40 -1.43 -5.17
N ARG D 98 8.55 -2.08 -5.16
CA ARG D 98 8.64 -3.53 -5.19
C ARG D 98 8.68 -4.07 -3.76
N SER D 99 7.68 -4.84 -3.37
CA SER D 99 7.55 -5.26 -1.98
C SER D 99 7.61 -6.78 -1.82
N THR D 100 8.02 -7.19 -0.62
CA THR D 100 7.86 -8.55 -0.13
C THR D 100 7.17 -8.50 1.23
N THR D 101 6.85 -9.69 1.73
CA THR D 101 6.19 -9.79 3.03
C THR D 101 7.13 -9.56 4.20
N VAL D 102 8.45 -9.48 4.00
CA VAL D 102 9.37 -9.47 5.15
C VAL D 102 10.32 -8.28 5.10
N ARG D 103 10.33 -7.54 4.00
CA ARG D 103 11.24 -6.41 3.86
C ARG D 103 10.49 -5.20 3.30
N PRO D 104 10.92 -4.00 3.66
CA PRO D 104 10.33 -2.82 3.06
C PRO D 104 10.86 -2.63 1.65
N PRO D 105 10.16 -1.87 0.82
CA PRO D 105 10.58 -1.70 -0.59
C PRO D 105 11.93 -1.01 -0.70
N GLY D 106 12.81 -1.59 -1.53
CA GLY D 106 14.08 -0.96 -1.87
C GLY D 106 14.14 -0.40 -3.28
N ILE D 107 13.24 -0.86 -4.14
CA ILE D 107 13.13 -0.43 -5.53
C ILE D 107 11.86 0.39 -5.68
N TRP D 108 11.99 1.66 -6.07
CA TRP D 108 10.88 2.58 -6.25
C TRP D 108 10.84 3.09 -7.67
N GLY D 109 9.62 3.26 -8.21
CA GLY D 109 9.45 4.08 -9.39
C GLY D 109 9.72 5.54 -9.11
N THR D 110 9.77 6.36 -10.17
CA THR D 110 10.05 7.77 -10.01
C THR D 110 8.78 8.62 -9.85
N GLY D 111 7.61 7.99 -9.74
CA GLY D 111 6.41 8.73 -9.43
C GLY D 111 5.63 9.24 -10.65
N THR D 112 4.32 9.21 -10.54
CA THR D 112 3.41 9.87 -11.47
C THR D 112 2.69 10.99 -10.74
N THR D 113 2.70 12.19 -11.33
CA THR D 113 1.97 13.31 -10.76
C THR D 113 0.52 13.26 -11.25
N VAL D 114 -0.41 13.43 -10.31
CA VAL D 114 -1.82 13.55 -10.64
C VAL D 114 -2.30 14.91 -10.16
N THR D 115 -2.92 15.67 -11.05
CA THR D 115 -3.59 16.92 -10.70
C THR D 115 -5.08 16.77 -10.90
N VAL D 116 -5.86 17.15 -9.88
CA VAL D 116 -7.31 17.13 -9.95
C VAL D 116 -7.81 18.56 -9.79
N SER D 117 -8.37 19.12 -10.86
CA SER D 117 -9.04 20.41 -10.79
C SER D 117 -9.83 20.66 -12.08
N SER D 118 -10.62 21.73 -12.06
CA SER D 118 -11.41 22.13 -13.21
C SER D 118 -10.65 23.00 -14.20
N ALA D 119 -9.53 23.60 -13.78
CA ALA D 119 -8.80 24.49 -14.66
C ALA D 119 -8.36 23.76 -15.92
N SER D 120 -8.33 24.50 -17.02
CA SER D 120 -7.96 23.92 -18.31
C SER D 120 -6.50 24.20 -18.60
N THR D 121 -5.87 23.27 -19.31
CA THR D 121 -4.46 23.41 -19.66
C THR D 121 -4.23 24.72 -20.40
N LYS D 122 -3.23 25.47 -19.94
CA LYS D 122 -2.98 26.81 -20.46
C LYS D 122 -1.48 27.10 -20.42
N GLY D 123 -0.94 27.56 -21.54
CA GLY D 123 0.43 27.99 -21.59
C GLY D 123 0.61 29.30 -20.83
N PRO D 124 1.86 29.66 -20.53
CA PRO D 124 2.11 30.85 -19.70
C PRO D 124 2.34 32.12 -20.51
N SER D 125 2.10 33.24 -19.85
CA SER D 125 2.61 34.53 -20.29
C SER D 125 3.95 34.77 -19.60
N VAL D 126 4.91 35.31 -20.35
CA VAL D 126 6.24 35.57 -19.83
C VAL D 126 6.49 37.07 -19.89
N PHE D 127 6.62 37.68 -18.74
CA PHE D 127 6.89 39.09 -18.58
C PHE D 127 8.28 39.31 -18.01
N PRO D 128 8.97 40.37 -18.42
CA PRO D 128 10.32 40.61 -17.89
C PRO D 128 10.28 41.20 -16.49
N LEU D 129 11.35 40.94 -15.74
CA LEU D 129 11.62 41.58 -14.46
C LEU D 129 12.93 42.36 -14.61
N ALA D 130 12.83 43.67 -14.58
CA ALA D 130 13.98 44.56 -14.74
C ALA D 130 13.76 45.78 -13.89
N PRO D 131 14.82 46.37 -13.33
CA PRO D 131 14.76 47.56 -12.45
C PRO D 131 14.00 48.74 -13.08
N GLU D 138 24.04 49.85 -8.07
CA GLU D 138 25.18 49.39 -7.28
C GLU D 138 26.05 48.42 -8.07
N SER D 139 26.76 47.54 -7.38
CA SER D 139 27.70 46.66 -8.06
C SER D 139 26.99 45.49 -8.74
N THR D 140 26.05 44.86 -8.04
CA THR D 140 25.32 43.70 -8.56
C THR D 140 23.90 44.11 -8.92
N ALA D 141 23.46 43.74 -10.11
CA ALA D 141 22.11 44.01 -10.60
C ALA D 141 21.35 42.70 -10.74
N ALA D 142 20.02 42.79 -10.76
CA ALA D 142 19.15 41.63 -10.81
C ALA D 142 18.17 41.75 -11.95
N LEU D 143 18.00 40.65 -12.69
CA LEU D 143 17.00 40.52 -13.74
C LEU D 143 16.12 39.32 -13.43
N GLY D 144 15.09 39.12 -14.24
CA GLY D 144 14.21 38.00 -13.99
C GLY D 144 13.12 37.90 -15.03
N CYS D 145 12.41 36.78 -14.97
CA CYS D 145 11.21 36.53 -15.75
C CYS D 145 10.06 36.19 -14.80
N LEU D 146 8.89 36.70 -15.09
CA LEU D 146 7.68 36.33 -14.37
C LEU D 146 6.87 35.42 -15.30
N VAL D 147 6.77 34.14 -14.93
CA VAL D 147 6.04 33.14 -15.70
C VAL D 147 4.67 32.97 -15.05
N LYS D 148 3.63 33.46 -15.72
CA LYS D 148 2.34 33.69 -15.08
C LYS D 148 1.19 33.00 -15.82
N ASP D 149 0.28 32.44 -15.02
CA ASP D 149 -1.04 31.98 -15.50
C ASP D 149 -0.94 30.77 -16.43
N TYR D 150 -0.01 29.87 -16.15
CA TYR D 150 -0.04 28.54 -16.75
C TYR D 150 -0.68 27.57 -15.79
N PHE D 151 -1.22 26.48 -16.34
CA PHE D 151 -1.84 25.58 -15.37
C PHE D 151 -1.06 24.29 -15.21
N PRO D 152 -1.28 23.27 -16.05
CA PRO D 152 -1.06 21.88 -15.60
C PRO D 152 0.18 21.67 -14.74
N GLU D 153 1.24 22.50 -14.93
CA GLU D 153 2.50 22.36 -14.21
C GLU D 153 3.20 21.07 -14.62
N PRO D 154 4.52 21.04 -14.76
CA PRO D 154 5.51 22.08 -14.45
C PRO D 154 5.97 22.86 -15.66
N VAL D 155 6.68 23.95 -15.39
CA VAL D 155 7.47 24.65 -16.40
C VAL D 155 8.93 24.47 -16.02
N THR D 156 9.80 24.49 -17.02
CA THR D 156 11.23 24.56 -16.82
C THR D 156 11.71 25.95 -17.24
N VAL D 157 12.70 26.48 -16.53
CA VAL D 157 13.25 27.80 -16.84
C VAL D 157 14.77 27.71 -16.86
N SER D 158 15.36 27.99 -18.02
CA SER D 158 16.80 28.15 -18.14
C SER D 158 17.10 29.60 -18.51
N TRP D 159 18.39 29.93 -18.50
CA TRP D 159 18.87 31.26 -18.87
C TRP D 159 19.99 31.12 -19.88
N ASN D 160 19.86 31.80 -21.01
CA ASN D 160 20.87 31.79 -22.06
C ASN D 160 21.11 30.36 -22.53
N SER D 161 20.01 29.63 -22.71
CA SER D 161 20.04 28.24 -23.17
C SER D 161 20.82 27.34 -22.23
N GLY D 162 20.84 27.67 -20.93
CA GLY D 162 21.57 26.89 -19.96
C GLY D 162 22.99 27.33 -19.72
N ALA D 163 23.52 28.27 -20.52
CA ALA D 163 24.89 28.74 -20.35
C ALA D 163 25.08 29.52 -19.06
N LEU D 164 23.99 30.08 -18.51
CA LEU D 164 24.07 30.91 -17.31
C LEU D 164 23.31 30.21 -16.19
N THR D 165 24.06 29.71 -15.20
CA THR D 165 23.47 29.03 -14.06
C THR D 165 23.88 29.64 -12.72
N SER D 166 25.06 30.24 -12.63
CA SER D 166 25.46 30.85 -11.38
C SER D 166 24.61 32.09 -11.12
N GLY D 167 24.17 32.25 -9.88
CA GLY D 167 23.33 33.36 -9.53
C GLY D 167 21.86 33.19 -9.90
N VAL D 168 21.47 32.06 -10.49
CA VAL D 168 20.10 31.85 -10.88
C VAL D 168 19.28 31.37 -9.70
N HIS D 169 18.08 31.92 -9.53
CA HIS D 169 17.13 31.44 -8.55
C HIS D 169 15.79 31.26 -9.25
N THR D 170 15.31 30.02 -9.30
CA THR D 170 14.00 29.71 -9.88
C THR D 170 13.10 29.22 -8.75
N PHE D 171 12.06 29.99 -8.45
CA PHE D 171 11.24 29.76 -7.28
C PHE D 171 10.17 28.70 -7.55
N PRO D 172 9.79 27.95 -6.51
CA PRO D 172 8.64 27.05 -6.65
C PRO D 172 7.38 27.80 -7.06
N ALA D 173 6.61 27.18 -7.95
CA ALA D 173 5.36 27.79 -8.39
C ALA D 173 4.39 27.92 -7.21
N VAL D 174 3.55 28.94 -7.27
CA VAL D 174 2.47 29.16 -6.32
C VAL D 174 1.16 29.09 -7.07
N LEU D 175 0.15 28.51 -6.44
CA LEU D 175 -1.18 28.43 -7.00
C LEU D 175 -1.93 29.71 -6.65
N GLN D 176 -2.49 30.36 -7.67
CA GLN D 176 -3.22 31.59 -7.48
C GLN D 176 -4.71 31.30 -7.28
N SER D 177 -5.44 32.31 -6.81
CA SER D 177 -6.89 32.20 -6.64
C SER D 177 -7.58 31.78 -7.92
N SER D 178 -7.03 32.14 -9.08
CA SER D 178 -7.59 31.76 -10.37
C SER D 178 -7.55 30.26 -10.61
N GLY D 179 -6.83 29.51 -9.80
CA GLY D 179 -6.59 28.12 -10.10
C GLY D 179 -5.47 27.88 -11.09
N LEU D 180 -4.71 28.91 -11.44
CA LEU D 180 -3.57 28.77 -12.33
C LEU D 180 -2.28 29.04 -11.55
N TYR D 181 -1.18 28.53 -12.09
CA TYR D 181 0.09 28.67 -11.40
C TYR D 181 0.83 29.92 -11.85
N SER D 182 1.82 30.30 -11.07
CA SER D 182 2.73 31.37 -11.45
C SER D 182 4.01 31.19 -10.67
N LEU D 183 5.14 31.44 -11.32
CA LEU D 183 6.43 31.46 -10.65
C LEU D 183 7.31 32.52 -11.27
N SER D 184 8.38 32.86 -10.57
CA SER D 184 9.38 33.81 -11.03
C SER D 184 10.75 33.15 -11.02
N SER D 185 11.57 33.49 -12.02
CA SER D 185 12.97 33.08 -12.04
C SER D 185 13.81 34.33 -12.20
N VAL D 186 14.88 34.45 -11.40
CA VAL D 186 15.70 35.64 -11.38
C VAL D 186 17.16 35.24 -11.42
N VAL D 187 18.00 36.21 -11.77
CA VAL D 187 19.45 36.01 -11.78
C VAL D 187 20.11 37.36 -11.48
N THR D 188 21.08 37.34 -10.57
CA THR D 188 21.88 38.51 -10.29
C THR D 188 23.19 38.43 -11.07
N VAL D 189 23.61 39.57 -11.60
CA VAL D 189 24.79 39.66 -12.45
C VAL D 189 25.57 40.92 -12.09
N PRO D 190 26.84 40.98 -12.46
CA PRO D 190 27.57 42.26 -12.35
C PRO D 190 26.92 43.32 -13.23
N SER D 191 26.68 44.49 -12.64
CA SER D 191 26.06 45.59 -13.36
C SER D 191 26.88 46.03 -14.56
N SER D 192 28.18 45.72 -14.58
CA SER D 192 28.98 45.95 -15.77
C SER D 192 28.32 45.34 -17.01
N SER D 193 27.88 44.09 -16.91
CA SER D 193 27.51 43.29 -18.07
C SER D 193 26.19 43.71 -18.73
N LEU D 194 25.37 44.54 -18.07
CA LEU D 194 24.09 44.94 -18.66
C LEU D 194 24.29 45.59 -20.02
N GLY D 195 25.42 46.26 -20.24
CA GLY D 195 25.70 46.93 -21.49
C GLY D 195 25.88 46.02 -22.68
N THR D 196 26.88 45.14 -22.62
CA THR D 196 27.22 44.26 -23.74
C THR D 196 27.20 42.80 -23.28
N LYS D 197 25.99 42.33 -22.94
CA LYS D 197 25.73 40.91 -22.67
C LYS D 197 24.23 40.71 -22.65
N THR D 198 23.72 39.80 -23.48
CA THR D 198 22.28 39.59 -23.57
C THR D 198 21.84 38.58 -22.53
N TYR D 199 20.66 38.81 -21.96
CA TYR D 199 20.08 37.93 -20.94
C TYR D 199 18.71 37.47 -21.41
N THR D 200 18.55 36.16 -21.57
CA THR D 200 17.31 35.59 -22.07
C THR D 200 16.95 34.39 -21.21
N CYS D 201 15.74 34.41 -20.68
CA CYS D 201 15.23 33.22 -19.98
C CYS D 201 14.44 32.37 -20.98
N ASN D 202 14.61 31.05 -20.88
CA ASN D 202 13.99 30.09 -21.78
C ASN D 202 12.99 29.26 -21.00
N VAL D 203 11.71 29.44 -21.30
CA VAL D 203 10.62 28.87 -20.51
C VAL D 203 9.94 27.79 -21.34
N ASP D 204 9.82 26.59 -20.77
CA ASP D 204 9.25 25.45 -21.48
C ASP D 204 8.09 24.90 -20.67
N HIS D 205 6.90 24.90 -21.27
CA HIS D 205 5.69 24.34 -20.65
C HIS D 205 5.22 23.22 -21.56
N LYS D 206 5.71 22.01 -21.30
CA LYS D 206 5.37 20.86 -22.14
C LYS D 206 3.89 20.50 -22.15
N PRO D 207 3.15 20.59 -21.04
CA PRO D 207 1.70 20.23 -21.11
C PRO D 207 0.94 20.94 -22.22
N SER D 208 1.11 22.25 -22.34
CA SER D 208 0.46 23.04 -23.38
C SER D 208 1.30 23.15 -24.64
N ASN D 209 2.46 22.48 -24.68
CA ASN D 209 3.28 22.40 -25.87
C ASN D 209 3.82 23.76 -26.30
N THR D 210 3.99 24.69 -25.34
CA THR D 210 4.48 26.02 -25.64
C THR D 210 5.86 26.21 -25.03
N LYS D 211 6.73 26.90 -25.78
CA LYS D 211 8.01 27.42 -25.29
C LYS D 211 8.10 28.90 -25.58
N VAL D 212 8.84 29.60 -24.73
CA VAL D 212 9.03 31.05 -24.87
C VAL D 212 10.47 31.39 -24.49
N ASP D 213 11.10 32.19 -25.34
CA ASP D 213 12.38 32.81 -25.04
C ASP D 213 12.15 34.32 -24.90
N LYS D 214 12.61 34.89 -23.79
CA LYS D 214 12.29 36.26 -23.41
C LYS D 214 13.58 37.00 -23.06
N ARG D 215 13.95 37.98 -23.89
CA ARG D 215 15.08 38.84 -23.55
C ARG D 215 14.64 39.88 -22.53
N VAL D 216 15.47 40.09 -21.51
CA VAL D 216 15.15 41.00 -20.41
C VAL D 216 16.13 42.17 -20.45
N GLU D 217 15.59 43.39 -20.41
CA GLU D 217 16.41 44.59 -20.51
C GLU D 217 16.01 45.67 -19.50
#